data_5UMI
#
_entry.id   5UMI
#
_cell.length_a   93.685
_cell.length_b   77.330
_cell.length_c   97.781
_cell.angle_alpha   90.00
_cell.angle_beta   90.91
_cell.angle_gamma   90.00
#
_symmetry.space_group_name_H-M   'P 1 2 1'
#
loop_
_entity.id
_entity.type
_entity.pdbx_description
1 polymer 'Toxin A'
2 polymer 'PA50 Fab Light chain'
3 polymer 'PA50 Fab Heavy chain'
#
loop_
_entity_poly.entity_id
_entity_poly.type
_entity_poly.pdbx_seq_one_letter_code
_entity_poly.pdbx_strand_id
1 'polypeptide(L)'
;MGSSHHHHHHSSGLVPRGSHMGLRTIDGKKYYFNTNTAVAVTGWQTINGKKYYFNTNTSIASTGYTIISGKHFYFNTDGI
MQIGVFKGPDGFEYFAPANTDANNIEGQAIRYQNRFLYLHDNIYYFGNNSKAATGWVTIDGNRYYFEPNTAMGANGYKTI
DNKNFYFRNGLPQIGVFKGSNGFEYFAPANTDANNIEGQAIRYQNRFLHLLGKIYYFGNNSKAVTGWQTINGKVYYFMPD
TAMAAAGGLFEIDGVIYFFGVDGVKAPGIYG
;
C
2 'polypeptide(L)'
;EIVLTQSPATLSLSPGERATLSCRASSSVNYMNWYQQKPGQAPRPLIYATSNLASGIPARFSGSGSGTDFTLTISSLEPE
DFAVYYCQQWSSRTFGGGTKLEIKRTVAAPSVFIFPPSDEQLKSGTASVVCLLNNFYPREAKVQWKVDNALQSGNSQESV
TEQDSKDSTYSLSSTLTLSKADYEKHKVYACEVTHQGLSSPVTKSFNRGEC
;
L,B
3 'polypeptide(L)'
;QVQLVQSGAEVKKPGASVKVSCKASGYTFTDYNMDWVRQAPGQRLEWMGDINPKYDIIGHNPKFMGRVTITRDTSASTAY
MELSSLRSEDTAVYYCARSDRGWYFDVWGQGTLVTVSSASTKGPSVFPLAPSSKSTSGGTAALGCLVKDYFPEPVTVSWN
SGALTSGVHTFPAVLQSSGLYSLSSVVTVPSSSLGTQTYICNVNHKPSNTKVDKRVEPKSC
;
H,A
#
# COMPACT_ATOMS: atom_id res chain seq x y z
N GLY A 22 -7.41 -32.84 43.90
CA GLY A 22 -6.04 -33.07 43.43
C GLY A 22 -5.94 -34.14 42.38
N LEU A 23 -5.41 -33.79 41.21
CA LEU A 23 -5.29 -34.74 40.12
C LEU A 23 -4.02 -35.57 40.27
N ARG A 24 -4.07 -36.79 39.73
CA ARG A 24 -2.92 -37.68 39.72
C ARG A 24 -2.95 -38.48 38.42
N THR A 25 -1.81 -38.58 37.77
CA THR A 25 -1.71 -39.25 36.48
C THR A 25 -1.72 -40.77 36.68
N ILE A 26 -2.63 -41.44 35.98
CA ILE A 26 -2.76 -42.90 36.02
C ILE A 26 -2.53 -43.42 34.61
N ASP A 27 -1.40 -44.10 34.41
CA ASP A 27 -1.09 -44.70 33.12
C ASP A 27 -1.06 -43.65 32.01
N GLY A 28 -0.48 -42.49 32.31
CA GLY A 28 -0.39 -41.42 31.33
C GLY A 28 -1.69 -40.70 31.07
N LYS A 29 -2.63 -40.75 32.01
CA LYS A 29 -3.93 -40.11 31.84
C LYS A 29 -4.30 -39.37 33.12
N LYS A 30 -4.59 -38.07 32.98
CA LYS A 30 -4.93 -37.24 34.13
C LYS A 30 -6.37 -37.48 34.55
N TYR A 31 -6.56 -37.83 35.82
CA TYR A 31 -7.88 -37.90 36.45
C TYR A 31 -7.87 -36.96 37.65
N TYR A 32 -8.92 -36.15 37.78
CA TYR A 32 -9.07 -35.26 38.92
C TYR A 32 -9.90 -35.95 39.98
N PHE A 33 -9.26 -36.31 41.10
CA PHE A 33 -9.89 -37.04 42.18
C PHE A 33 -10.39 -36.13 43.30
N ASN A 34 -10.27 -34.81 43.14
CA ASN A 34 -10.67 -33.83 44.14
C ASN A 34 -9.83 -34.09 45.39
N THR A 35 -10.43 -34.28 46.57
CA THR A 35 -9.67 -34.37 47.81
C THR A 35 -10.07 -35.58 48.65
N ASN A 36 -11.34 -35.65 49.03
CA ASN A 36 -11.84 -36.59 50.04
C ASN A 36 -11.67 -38.06 49.65
N THR A 37 -10.88 -38.41 48.63
CA THR A 37 -10.82 -39.78 48.13
C THR A 37 -12.19 -40.27 47.66
N ALA A 38 -13.06 -39.32 47.33
CA ALA A 38 -14.24 -39.61 46.53
C ALA A 38 -13.81 -39.70 45.08
N VAL A 39 -14.15 -40.82 44.42
CA VAL A 39 -13.23 -41.39 43.43
C VAL A 39 -13.14 -40.53 42.17
N ALA A 40 -14.21 -39.84 41.77
CA ALA A 40 -14.07 -39.18 40.49
C ALA A 40 -15.05 -38.04 40.30
N VAL A 41 -14.72 -37.20 39.31
CA VAL A 41 -15.57 -36.09 38.87
C VAL A 41 -15.40 -35.93 37.37
N THR A 42 -16.22 -35.08 36.76
CA THR A 42 -16.25 -34.93 35.32
C THR A 42 -16.59 -33.49 34.96
N GLY A 43 -16.35 -33.14 33.70
CA GLY A 43 -16.70 -31.83 33.18
C GLY A 43 -15.55 -30.85 33.25
N TRP A 44 -15.90 -29.58 33.05
CA TRP A 44 -14.92 -28.51 33.13
C TRP A 44 -14.47 -28.32 34.56
N GLN A 45 -13.17 -28.07 34.74
CA GLN A 45 -12.59 -27.89 36.06
C GLN A 45 -11.53 -26.79 36.00
N THR A 46 -11.46 -25.99 37.06
CA THR A 46 -10.48 -24.92 37.20
C THR A 46 -9.53 -25.29 38.33
N ILE A 47 -8.36 -25.80 37.98
CA ILE A 47 -7.38 -26.29 38.94
C ILE A 47 -6.22 -25.30 38.93
N ASN A 48 -6.21 -24.38 39.89
CA ASN A 48 -5.13 -23.41 40.06
C ASN A 48 -5.08 -22.44 38.88
N GLY A 49 -6.22 -21.80 38.61
CA GLY A 49 -6.30 -20.79 37.56
C GLY A 49 -6.45 -21.37 36.18
N LYS A 50 -5.77 -22.49 35.92
CA LYS A 50 -5.80 -23.13 34.62
C LYS A 50 -7.03 -24.03 34.52
N LYS A 51 -7.62 -24.09 33.33
CA LYS A 51 -8.90 -24.73 33.11
C LYS A 51 -8.73 -26.03 32.35
N TYR A 52 -9.30 -27.11 32.90
CA TYR A 52 -9.29 -28.42 32.28
C TYR A 52 -10.70 -28.80 31.85
N TYR A 53 -10.77 -29.80 30.99
CA TYR A 53 -12.02 -30.50 30.69
C TYR A 53 -11.76 -31.98 30.80
N PHE A 54 -12.59 -32.66 31.60
CA PHE A 54 -12.46 -34.10 31.81
C PHE A 54 -13.63 -34.80 31.14
N ASN A 55 -13.31 -35.74 30.24
CA ASN A 55 -14.30 -36.48 29.48
C ASN A 55 -15.45 -36.92 30.38
N THR A 56 -16.68 -36.72 29.90
CA THR A 56 -17.85 -37.01 30.71
C THR A 56 -17.97 -38.51 31.00
N ASN A 57 -17.70 -39.35 30.00
CA ASN A 57 -17.87 -40.79 30.19
C ASN A 57 -16.64 -41.42 30.81
N THR A 58 -15.44 -41.00 30.39
CA THR A 58 -14.20 -41.63 30.82
C THR A 58 -13.49 -40.89 31.94
N SER A 59 -13.89 -39.66 32.25
CA SER A 59 -13.27 -38.88 33.33
C SER A 59 -11.78 -38.68 33.10
N ILE A 60 -11.37 -38.56 31.84
CA ILE A 60 -9.98 -38.35 31.47
C ILE A 60 -9.81 -36.90 31.02
N ALA A 61 -8.71 -36.28 31.43
CA ALA A 61 -8.37 -34.94 30.97
C ALA A 61 -8.18 -34.96 29.47
N SER A 62 -9.02 -34.21 28.75
CA SER A 62 -8.91 -34.15 27.30
C SER A 62 -7.51 -33.70 26.90
N THR A 63 -7.05 -34.21 25.76
CA THR A 63 -5.72 -33.91 25.26
C THR A 63 -5.78 -33.74 23.74
N GLY A 64 -5.17 -32.66 23.26
CA GLY A 64 -5.14 -32.38 21.83
C GLY A 64 -6.42 -31.73 21.34
N TYR A 65 -6.65 -31.84 20.04
CA TYR A 65 -7.87 -31.32 19.43
C TYR A 65 -9.06 -32.12 19.96
N THR A 66 -9.98 -31.43 20.63
CA THR A 66 -11.12 -32.06 21.28
C THR A 66 -12.38 -31.27 20.95
N ILE A 67 -13.41 -31.98 20.49
CA ILE A 67 -14.71 -31.39 20.16
C ILE A 67 -15.63 -31.58 21.35
N ILE A 68 -16.27 -30.50 21.79
CA ILE A 68 -17.16 -30.52 22.95
C ILE A 68 -18.43 -29.77 22.56
N SER A 69 -19.53 -30.51 22.41
CA SER A 69 -20.83 -29.90 22.13
C SER A 69 -20.77 -28.97 20.92
N GLY A 70 -20.09 -29.44 19.87
CA GLY A 70 -20.00 -28.72 18.61
C GLY A 70 -18.91 -27.68 18.55
N LYS A 71 -18.43 -27.19 19.69
CA LYS A 71 -17.41 -26.15 19.74
C LYS A 71 -16.06 -26.80 19.93
N HIS A 72 -15.04 -26.21 19.31
CA HIS A 72 -13.72 -26.82 19.20
C HIS A 72 -12.79 -26.27 20.26
N PHE A 73 -11.93 -27.13 20.79
CA PHE A 73 -10.97 -26.77 21.82
C PHE A 73 -9.66 -27.49 21.59
N TYR A 74 -8.59 -26.94 22.16
CA TYR A 74 -7.28 -27.55 22.14
C TYR A 74 -6.74 -27.61 23.57
N PHE A 75 -6.07 -28.71 23.90
CA PHE A 75 -5.45 -28.90 25.20
C PHE A 75 -4.07 -29.49 24.99
N ASN A 76 -3.09 -28.97 25.73
CA ASN A 76 -1.74 -29.50 25.62
C ASN A 76 -1.68 -30.89 26.26
N THR A 77 -0.50 -31.52 26.18
CA THR A 77 -0.36 -32.90 26.64
C THR A 77 -0.79 -33.09 28.08
N ASP A 78 -0.77 -32.03 28.89
CA ASP A 78 -1.13 -32.10 30.29
C ASP A 78 -2.58 -31.73 30.53
N GLY A 79 -3.41 -31.69 29.50
CA GLY A 79 -4.82 -31.37 29.66
C GLY A 79 -5.11 -29.93 30.00
N ILE A 80 -4.13 -29.05 29.90
CA ILE A 80 -4.31 -27.63 30.20
C ILE A 80 -4.75 -26.91 28.93
N MET A 81 -5.89 -26.23 29.00
CA MET A 81 -6.36 -25.46 27.86
C MET A 81 -5.43 -24.29 27.61
N GLN A 82 -5.09 -24.06 26.33
CA GLN A 82 -4.25 -22.93 25.96
C GLN A 82 -4.82 -22.28 24.72
N ILE A 83 -4.70 -20.96 24.66
CA ILE A 83 -5.16 -20.15 23.54
C ILE A 83 -4.08 -20.11 22.48
N GLY A 84 -4.47 -20.10 21.22
CA GLY A 84 -3.53 -19.95 20.13
C GLY A 84 -4.05 -20.58 18.86
N VAL A 85 -3.17 -20.59 17.86
CA VAL A 85 -3.46 -21.12 16.53
C VAL A 85 -2.89 -22.53 16.50
N PHE A 86 -3.77 -23.54 16.54
CA PHE A 86 -3.35 -24.92 16.66
C PHE A 86 -4.04 -25.78 15.60
N LYS A 87 -3.36 -26.86 15.23
CA LYS A 87 -3.73 -27.66 14.07
C LYS A 87 -4.91 -28.57 14.38
N GLY A 88 -5.98 -28.44 13.59
CA GLY A 88 -7.12 -29.32 13.68
C GLY A 88 -7.25 -30.18 12.44
N PRO A 89 -8.18 -31.14 12.46
CA PRO A 89 -8.32 -32.06 11.32
C PRO A 89 -8.53 -31.34 10.00
N ASP A 90 -9.09 -30.13 10.03
CA ASP A 90 -9.32 -29.34 8.83
C ASP A 90 -8.26 -28.26 8.63
N GLY A 91 -7.26 -28.19 9.51
CA GLY A 91 -6.24 -27.17 9.46
C GLY A 91 -6.21 -26.34 10.73
N PHE A 92 -5.18 -25.49 10.81
CA PHE A 92 -4.99 -24.65 11.98
C PHE A 92 -6.17 -23.72 12.19
N GLU A 93 -6.73 -23.77 13.40
CA GLU A 93 -7.86 -22.93 13.78
C GLU A 93 -7.42 -21.99 14.90
N TYR A 94 -8.18 -20.91 15.07
CA TYR A 94 -7.86 -19.87 16.05
C TYR A 94 -8.80 -20.00 17.24
N PHE A 95 -8.30 -20.64 18.31
CA PHE A 95 -9.01 -20.70 19.58
C PHE A 95 -8.74 -19.41 20.34
N ALA A 96 -9.78 -18.67 20.68
CA ALA A 96 -9.67 -17.26 21.00
C ALA A 96 -10.24 -16.92 22.37
N PRO A 97 -9.91 -15.72 22.88
CA PRO A 97 -10.58 -15.21 24.11
C PRO A 97 -12.09 -15.34 24.09
N ALA A 98 -12.73 -14.94 25.20
CA ALA A 98 -14.12 -15.27 25.44
C ALA A 98 -15.12 -14.29 24.84
N ASN A 99 -14.68 -13.22 24.19
CA ASN A 99 -15.61 -12.22 23.67
C ASN A 99 -15.14 -11.72 22.31
N THR A 100 -14.62 -12.61 21.46
CA THR A 100 -14.12 -12.19 20.16
C THR A 100 -15.17 -12.35 19.05
N ASP A 101 -15.82 -13.51 18.98
CA ASP A 101 -16.77 -13.79 17.91
C ASP A 101 -17.95 -14.58 18.47
N ALA A 102 -19.11 -13.94 18.54
CA ALA A 102 -20.37 -14.59 18.87
C ALA A 102 -20.34 -15.22 20.27
N ASN A 103 -20.05 -14.38 21.26
CA ASN A 103 -20.01 -14.79 22.66
C ASN A 103 -19.30 -16.13 22.81
N ASN A 104 -18.19 -16.32 22.09
CA ASN A 104 -17.43 -17.55 22.24
C ASN A 104 -16.96 -17.67 23.68
N ILE A 105 -16.18 -18.72 23.97
CA ILE A 105 -15.67 -18.95 25.31
C ILE A 105 -14.17 -19.20 25.20
N GLU A 106 -13.47 -19.02 26.32
CA GLU A 106 -12.03 -19.19 26.35
C GLU A 106 -11.63 -20.48 25.66
N GLY A 107 -10.67 -20.38 24.73
CA GLY A 107 -10.16 -21.55 24.06
C GLY A 107 -11.07 -22.16 23.03
N GLN A 108 -12.14 -21.46 22.64
CA GLN A 108 -13.04 -21.94 21.59
C GLN A 108 -12.59 -21.42 20.23
N ALA A 109 -12.65 -22.29 19.23
CA ALA A 109 -12.36 -21.88 17.88
C ALA A 109 -13.43 -20.94 17.35
N ILE A 110 -13.00 -19.90 16.63
CA ILE A 110 -13.91 -18.87 16.15
C ILE A 110 -13.72 -18.67 14.65
N ARG A 111 -14.69 -18.00 14.05
CA ARG A 111 -14.61 -17.62 12.65
C ARG A 111 -13.70 -16.40 12.52
N TYR A 112 -12.72 -16.49 11.61
CA TYR A 112 -11.70 -15.46 11.47
C TYR A 112 -11.29 -15.42 9.99
N GLN A 113 -11.86 -14.49 9.24
CA GLN A 113 -11.84 -14.53 7.77
C GLN A 113 -11.02 -13.38 7.21
N ASN A 114 -9.96 -13.71 6.47
CA ASN A 114 -9.18 -12.73 5.70
C ASN A 114 -8.63 -11.62 6.59
N ARG A 115 -7.93 -12.02 7.65
CA ARG A 115 -7.40 -11.08 8.64
C ARG A 115 -6.07 -11.60 9.15
N PHE A 116 -5.17 -10.68 9.48
CA PHE A 116 -3.91 -11.03 10.13
C PHE A 116 -4.13 -11.15 11.64
N LEU A 117 -3.28 -11.96 12.27
CA LEU A 117 -3.37 -12.18 13.71
C LEU A 117 -1.96 -12.19 14.28
N TYR A 118 -1.61 -11.15 15.04
CA TYR A 118 -0.36 -11.12 15.78
C TYR A 118 -0.58 -11.77 17.15
N LEU A 119 0.20 -12.80 17.44
CA LEU A 119 0.04 -13.57 18.67
C LEU A 119 1.41 -13.98 19.18
N HIS A 120 1.78 -13.50 20.36
CA HIS A 120 3.10 -13.74 20.92
C HIS A 120 4.18 -13.29 19.94
N ASP A 121 3.96 -12.13 19.32
CA ASP A 121 4.90 -11.56 18.36
C ASP A 121 5.18 -12.52 17.20
N ASN A 122 4.18 -13.33 16.85
CA ASN A 122 4.20 -14.14 15.64
C ASN A 122 2.98 -13.79 14.81
N ILE A 123 3.12 -13.91 13.48
CA ILE A 123 2.04 -13.52 12.57
C ILE A 123 1.32 -14.76 12.10
N TYR A 124 0.00 -14.63 11.96
CA TYR A 124 -0.84 -15.62 11.30
C TYR A 124 -1.79 -14.90 10.37
N TYR A 125 -2.18 -15.58 9.30
CA TYR A 125 -3.19 -15.07 8.37
C TYR A 125 -4.21 -16.17 8.10
N PHE A 126 -5.48 -15.79 8.07
CA PHE A 126 -6.57 -16.74 7.94
C PHE A 126 -7.35 -16.47 6.66
N GLY A 127 -7.69 -17.53 5.95
CA GLY A 127 -8.33 -17.44 4.65
C GLY A 127 -9.83 -17.31 4.72
N ASN A 128 -10.49 -17.78 3.66
CA ASN A 128 -11.93 -17.57 3.52
C ASN A 128 -12.72 -18.42 4.52
N ASN A 129 -12.20 -19.59 4.89
CA ASN A 129 -12.90 -20.49 5.80
C ASN A 129 -12.23 -20.57 7.17
N SER A 130 -11.54 -19.50 7.56
CA SER A 130 -11.02 -19.35 8.93
C SER A 130 -9.99 -20.43 9.26
N LYS A 131 -8.99 -20.56 8.39
CA LYS A 131 -7.87 -21.46 8.61
C LYS A 131 -6.57 -20.74 8.30
N ALA A 132 -5.51 -21.10 9.02
CA ALA A 132 -4.24 -20.44 8.83
C ALA A 132 -3.56 -20.92 7.56
N ALA A 133 -2.63 -20.11 7.08
CA ALA A 133 -1.97 -20.38 5.80
C ALA A 133 -1.02 -21.57 5.91
N THR A 134 -0.88 -22.29 4.79
CA THR A 134 0.02 -23.42 4.68
C THR A 134 1.15 -23.04 3.72
N GLY A 135 2.33 -22.78 4.28
CA GLY A 135 3.48 -22.52 3.43
C GLY A 135 3.32 -21.23 2.63
N TRP A 136 3.73 -21.29 1.36
CA TRP A 136 3.70 -20.11 0.51
C TRP A 136 2.27 -19.66 0.26
N VAL A 137 2.06 -18.34 0.35
CA VAL A 137 0.75 -17.74 0.11
C VAL A 137 0.94 -16.27 -0.22
N THR A 138 0.28 -15.80 -1.29
CA THR A 138 0.35 -14.41 -1.70
C THR A 138 -0.83 -13.65 -1.08
N ILE A 139 -0.52 -12.55 -0.40
CA ILE A 139 -1.55 -11.73 0.26
C ILE A 139 -1.42 -10.30 -0.24
N ASP A 140 -2.33 -9.90 -1.12
CA ASP A 140 -2.47 -8.50 -1.55
C ASP A 140 -1.13 -7.94 -2.04
N GLY A 141 -0.48 -8.68 -2.94
CA GLY A 141 0.67 -8.19 -3.66
C GLY A 141 2.00 -8.73 -3.16
N ASN A 142 2.11 -9.04 -1.87
CA ASN A 142 3.35 -9.54 -1.29
C ASN A 142 3.27 -11.04 -1.09
N ARG A 143 4.44 -11.66 -1.05
CA ARG A 143 4.57 -13.12 -1.01
C ARG A 143 5.07 -13.52 0.37
N TYR A 144 4.17 -14.02 1.21
CA TYR A 144 4.49 -14.49 2.54
C TYR A 144 4.72 -16.00 2.53
N TYR A 145 5.52 -16.48 3.49
CA TYR A 145 5.72 -17.91 3.70
C TYR A 145 5.45 -18.21 5.16
N PHE A 146 4.34 -18.90 5.43
CA PHE A 146 4.00 -19.33 6.77
C PHE A 146 4.57 -20.72 7.00
N GLU A 147 5.22 -20.91 8.14
CA GLU A 147 5.85 -22.19 8.44
C GLU A 147 4.78 -23.27 8.42
N PRO A 148 4.93 -24.33 7.61
CA PRO A 148 3.90 -25.37 7.58
C PRO A 148 3.77 -26.12 8.89
N ASN A 149 4.79 -26.07 9.75
CA ASN A 149 4.77 -26.84 10.99
C ASN A 149 3.92 -26.16 12.06
N THR A 150 4.11 -24.87 12.25
CA THR A 150 3.41 -24.09 13.27
C THR A 150 2.46 -23.05 12.70
N ALA A 151 2.37 -22.91 11.38
CA ALA A 151 1.42 -22.02 10.72
C ALA A 151 1.77 -20.55 10.87
N MET A 152 2.75 -20.24 11.71
CA MET A 152 3.14 -18.85 11.93
C MET A 152 4.11 -18.38 10.84
N GLY A 153 4.01 -17.10 10.52
CA GLY A 153 4.93 -16.49 9.57
C GLY A 153 6.37 -16.81 9.91
N ALA A 154 7.09 -17.36 8.94
CA ALA A 154 8.43 -17.87 9.20
C ALA A 154 9.38 -16.74 9.61
N ASN A 155 10.30 -17.07 10.51
CA ASN A 155 11.38 -16.19 10.92
C ASN A 155 12.71 -16.89 10.71
N GLY A 156 13.70 -16.17 10.22
CA GLY A 156 15.04 -16.69 10.11
C GLY A 156 15.32 -17.39 8.78
N TYR A 157 16.33 -18.24 8.82
CA TYR A 157 16.84 -18.91 7.62
C TYR A 157 16.13 -20.25 7.45
N LYS A 158 15.44 -20.42 6.32
CA LYS A 158 14.77 -21.66 5.98
C LYS A 158 15.12 -22.04 4.54
N THR A 159 14.83 -23.27 4.18
CA THR A 159 15.06 -23.80 2.84
C THR A 159 13.80 -24.48 2.35
N ILE A 160 13.25 -23.98 1.25
CA ILE A 160 12.04 -24.54 0.64
C ILE A 160 12.40 -24.99 -0.77
N ASP A 161 12.15 -26.26 -1.06
CA ASP A 161 12.33 -26.81 -2.40
C ASP A 161 13.73 -26.49 -2.93
N ASN A 162 14.74 -26.77 -2.09
CA ASN A 162 16.13 -26.54 -2.45
C ASN A 162 16.37 -25.08 -2.87
N LYS A 163 15.56 -24.17 -2.33
CA LYS A 163 15.74 -22.74 -2.52
C LYS A 163 15.85 -22.10 -1.14
N ASN A 164 16.88 -21.28 -0.94
CA ASN A 164 17.16 -20.70 0.37
C ASN A 164 16.53 -19.32 0.49
N PHE A 165 16.12 -18.99 1.72
CA PHE A 165 15.53 -17.71 2.03
C PHE A 165 15.91 -17.33 3.46
N TYR A 166 15.68 -16.05 3.80
CA TYR A 166 15.82 -15.56 5.16
C TYR A 166 14.59 -14.73 5.48
N PHE A 167 13.73 -15.24 6.36
CA PHE A 167 12.41 -14.67 6.60
C PHE A 167 12.44 -13.79 7.85
N ARG A 168 11.71 -12.67 7.79
CA ARG A 168 11.39 -11.87 8.97
C ARG A 168 9.88 -11.64 8.95
N ASN A 169 9.19 -12.26 9.91
CA ASN A 169 7.74 -12.10 10.04
C ASN A 169 7.01 -12.61 8.79
N GLY A 170 7.59 -13.60 8.12
CA GLY A 170 6.95 -14.25 6.98
C GLY A 170 7.42 -13.77 5.62
N LEU A 171 8.12 -12.64 5.55
CA LEU A 171 8.54 -12.07 4.27
C LEU A 171 10.03 -12.30 4.06
N PRO A 172 10.44 -12.80 2.88
CA PRO A 172 11.89 -12.93 2.61
C PRO A 172 12.56 -11.56 2.59
N GLN A 173 13.66 -11.46 3.34
CA GLN A 173 14.42 -10.22 3.42
C GLN A 173 15.55 -10.22 2.41
N ILE A 174 16.10 -9.04 2.17
CA ILE A 174 17.23 -8.84 1.26
C ILE A 174 18.44 -8.42 2.07
N GLY A 175 19.59 -8.99 1.73
CA GLY A 175 20.83 -8.65 2.40
C GLY A 175 21.73 -9.85 2.61
N VAL A 176 22.90 -9.61 3.21
CA VAL A 176 23.85 -10.67 3.51
C VAL A 176 23.58 -11.15 4.92
N PHE A 177 23.04 -12.37 5.04
CA PHE A 177 22.68 -12.94 6.33
C PHE A 177 23.34 -14.30 6.49
N LYS A 178 23.56 -14.70 7.73
CA LYS A 178 24.23 -15.96 8.03
C LYS A 178 23.26 -17.11 7.82
N GLY A 179 23.73 -18.17 7.14
CA GLY A 179 22.91 -19.33 6.85
C GLY A 179 23.57 -20.61 7.35
N SER A 180 22.89 -21.72 7.09
CA SER A 180 23.38 -23.02 7.53
C SER A 180 24.78 -23.29 7.01
N ASN A 181 25.04 -22.94 5.75
CA ASN A 181 26.35 -23.16 5.13
C ASN A 181 27.15 -21.86 4.99
N GLY A 182 26.88 -20.89 5.85
CA GLY A 182 27.62 -19.64 5.86
C GLY A 182 26.72 -18.47 5.47
N PHE A 183 27.38 -17.33 5.25
CA PHE A 183 26.67 -16.12 4.88
C PHE A 183 26.21 -16.19 3.42
N GLU A 184 24.92 -15.98 3.20
CA GLU A 184 24.34 -16.00 1.86
C GLU A 184 23.82 -14.62 1.51
N TYR A 185 23.90 -14.28 0.22
CA TYR A 185 23.41 -13.01 -0.29
C TYR A 185 22.01 -13.21 -0.86
N PHE A 186 21.01 -12.81 -0.09
CA PHE A 186 19.61 -12.94 -0.50
C PHE A 186 19.25 -11.71 -1.35
N ALA A 187 19.30 -11.88 -2.67
CA ALA A 187 19.17 -10.77 -3.61
C ALA A 187 17.72 -10.51 -3.96
N PRO A 188 17.41 -9.34 -4.48
CA PRO A 188 16.05 -9.07 -4.97
C PRO A 188 15.75 -9.92 -6.20
N ALA A 189 14.50 -9.86 -6.63
CA ALA A 189 14.07 -10.63 -7.78
C ALA A 189 14.77 -10.15 -9.05
N ASN A 190 14.92 -11.07 -10.00
CA ASN A 190 15.49 -10.75 -11.32
C ASN A 190 16.95 -10.33 -11.23
N THR A 191 17.68 -10.83 -10.24
CA THR A 191 19.11 -10.58 -10.11
C THR A 191 19.97 -11.75 -10.54
N ASP A 192 19.44 -12.98 -10.48
CA ASP A 192 20.20 -14.15 -10.87
C ASP A 192 19.22 -15.27 -11.25
N ALA A 193 19.05 -15.48 -12.55
CA ALA A 193 18.20 -16.55 -13.07
C ALA A 193 16.76 -16.38 -12.56
N ASN A 194 16.19 -15.22 -12.89
CA ASN A 194 14.84 -14.84 -12.45
C ASN A 194 14.54 -15.33 -11.03
N ASN A 195 15.52 -15.18 -10.13
CA ASN A 195 15.33 -15.61 -8.75
C ASN A 195 14.13 -14.91 -8.13
N ILE A 196 13.53 -15.57 -7.14
CA ILE A 196 12.44 -14.96 -6.39
C ILE A 196 13.01 -13.84 -5.53
N GLU A 197 12.14 -12.90 -5.15
CA GLU A 197 12.58 -11.82 -4.27
C GLU A 197 13.08 -12.40 -2.96
N GLY A 198 14.28 -11.98 -2.56
CA GLY A 198 14.86 -12.43 -1.32
C GLY A 198 15.42 -13.84 -1.34
N GLN A 199 15.39 -14.51 -2.49
CA GLN A 199 15.99 -15.83 -2.59
C GLN A 199 17.50 -15.71 -2.70
N ALA A 200 18.22 -16.65 -2.09
CA ALA A 200 19.67 -16.68 -2.23
C ALA A 200 20.07 -17.04 -3.65
N ILE A 201 21.17 -16.43 -4.12
CA ILE A 201 21.59 -16.57 -5.51
C ILE A 201 23.01 -17.10 -5.58
N ARG A 202 23.53 -17.23 -6.80
CA ARG A 202 24.91 -17.63 -7.04
C ARG A 202 25.74 -16.35 -7.24
N TYR A 203 26.67 -16.11 -6.32
CA TYR A 203 27.49 -14.89 -6.32
C TYR A 203 28.94 -15.31 -6.07
N GLN A 204 29.76 -15.31 -7.12
CA GLN A 204 31.06 -15.97 -7.09
C GLN A 204 32.16 -14.97 -7.40
N ASN A 205 33.08 -14.80 -6.44
CA ASN A 205 34.36 -14.11 -6.67
C ASN A 205 34.15 -12.64 -7.05
N ARG A 206 33.30 -11.95 -6.31
CA ARG A 206 33.13 -10.53 -6.55
C ARG A 206 32.58 -9.87 -5.29
N PHE A 207 32.97 -8.62 -5.10
CA PHE A 207 32.61 -7.85 -3.91
C PHE A 207 31.12 -7.48 -3.94
N LEU A 208 30.65 -6.97 -2.81
CA LEU A 208 29.25 -6.57 -2.68
C LEU A 208 29.17 -5.40 -1.72
N HIS A 209 28.64 -4.28 -2.19
CA HIS A 209 28.34 -3.14 -1.34
C HIS A 209 26.83 -3.12 -1.09
N LEU A 210 26.42 -3.18 0.17
CA LEU A 210 25.00 -3.22 0.52
C LEU A 210 24.80 -2.45 1.82
N LEU A 211 23.98 -1.40 1.76
CA LEU A 211 23.65 -0.58 2.93
C LEU A 211 24.91 -0.04 3.59
N GLY A 212 25.87 0.40 2.79
CA GLY A 212 27.09 0.99 3.28
C GLY A 212 28.15 0.00 3.74
N LYS A 213 27.80 -1.28 3.87
CA LYS A 213 28.75 -2.31 4.29
C LYS A 213 29.22 -3.08 3.07
N ILE A 214 30.50 -3.44 3.07
CA ILE A 214 31.11 -4.15 1.95
C ILE A 214 31.26 -5.61 2.30
N TYR A 215 31.07 -6.47 1.31
CA TYR A 215 31.22 -7.92 1.46
C TYR A 215 32.05 -8.46 0.32
N TYR A 216 32.51 -9.70 0.47
CA TYR A 216 33.19 -10.41 -0.60
C TYR A 216 32.80 -11.88 -0.54
N PHE A 217 32.47 -12.45 -1.69
CA PHE A 217 31.95 -13.81 -1.78
C PHE A 217 32.91 -14.68 -2.59
N GLY A 218 33.18 -15.88 -2.09
CA GLY A 218 34.09 -16.80 -2.74
C GLY A 218 33.41 -17.57 -3.85
N ASN A 219 34.02 -18.71 -4.20
CA ASN A 219 33.48 -19.54 -5.28
C ASN A 219 32.23 -20.28 -4.86
N ASN A 220 32.00 -20.44 -3.56
CA ASN A 220 30.81 -21.12 -3.06
C ASN A 220 29.69 -20.17 -2.71
N SER A 221 29.79 -18.90 -3.10
CA SER A 221 28.75 -17.91 -2.88
C SER A 221 28.49 -17.67 -1.40
N LYS A 222 29.57 -17.65 -0.62
CA LYS A 222 29.50 -17.37 0.81
C LYS A 222 30.40 -16.19 1.14
N ALA A 223 29.87 -15.22 1.88
CA ALA A 223 30.65 -14.06 2.27
C ALA A 223 31.75 -14.48 3.25
N VAL A 224 33.00 -14.20 2.88
CA VAL A 224 34.11 -14.60 3.74
C VAL A 224 34.09 -13.82 5.05
N THR A 225 34.71 -14.42 6.07
CA THR A 225 34.86 -13.81 7.37
C THR A 225 36.34 -13.77 7.74
N GLY A 226 36.63 -13.20 8.91
CA GLY A 226 37.98 -13.14 9.42
C GLY A 226 38.92 -12.38 8.49
N TRP A 227 40.21 -12.64 8.69
CA TRP A 227 41.25 -12.01 7.89
C TRP A 227 41.34 -12.70 6.53
N GLN A 228 41.14 -11.93 5.47
CA GLN A 228 41.18 -12.43 4.10
C GLN A 228 41.98 -11.48 3.23
N THR A 229 42.96 -12.01 2.50
CA THR A 229 43.74 -11.22 1.55
C THR A 229 43.13 -11.37 0.17
N ILE A 230 42.66 -10.27 -0.39
CA ILE A 230 41.96 -10.25 -1.67
C ILE A 230 42.74 -9.33 -2.60
N ASN A 231 43.38 -9.91 -3.62
CA ASN A 231 44.03 -9.14 -4.68
C ASN A 231 45.21 -8.34 -4.12
N GLY A 232 46.14 -9.03 -3.47
CA GLY A 232 47.31 -8.38 -2.92
C GLY A 232 47.05 -7.36 -1.84
N LYS A 233 45.82 -7.27 -1.33
CA LYS A 233 45.47 -6.34 -0.27
C LYS A 233 44.81 -7.12 0.85
N VAL A 234 44.85 -6.55 2.05
CA VAL A 234 44.38 -7.22 3.25
C VAL A 234 43.02 -6.66 3.64
N TYR A 235 42.11 -7.56 4.03
CA TYR A 235 40.79 -7.19 4.50
C TYR A 235 40.49 -7.95 5.78
N TYR A 236 39.54 -7.42 6.56
CA TYR A 236 39.01 -8.12 7.72
C TYR A 236 37.51 -7.96 7.73
N PHE A 237 36.80 -9.08 7.85
CA PHE A 237 35.34 -9.11 7.77
C PHE A 237 34.78 -9.60 9.10
N MET A 238 33.75 -8.91 9.59
CA MET A 238 33.19 -9.22 10.89
C MET A 238 32.76 -10.69 10.95
N PRO A 239 33.14 -11.43 11.99
CA PRO A 239 32.65 -12.82 12.10
C PRO A 239 31.14 -12.92 12.20
N ASP A 240 30.47 -11.89 12.71
CA ASP A 240 29.04 -11.98 13.02
C ASP A 240 28.16 -11.48 11.89
N THR A 241 28.61 -10.49 11.12
CA THR A 241 27.83 -9.95 10.01
C THR A 241 28.52 -10.05 8.66
N ALA A 242 29.78 -10.49 8.61
CA ALA A 242 30.56 -10.58 7.38
C ALA A 242 30.85 -9.22 6.77
N MET A 243 30.46 -8.13 7.44
CA MET A 243 30.68 -6.80 6.88
C MET A 243 32.15 -6.43 6.96
N ALA A 244 32.64 -5.81 5.89
CA ALA A 244 34.04 -5.41 5.85
C ALA A 244 34.29 -4.24 6.80
N ALA A 245 35.42 -4.28 7.49
CA ALA A 245 35.80 -3.22 8.42
C ALA A 245 36.45 -2.09 7.61
N ALA A 246 35.87 -0.89 7.71
CA ALA A 246 36.36 0.24 6.94
C ALA A 246 35.79 1.53 7.53
N GLY A 247 36.53 2.62 7.32
CA GLY A 247 36.12 3.95 7.74
C GLY A 247 36.96 4.56 8.84
N GLY A 248 37.63 3.74 9.65
CA GLY A 248 38.43 4.27 10.73
C GLY A 248 39.22 3.20 11.47
N LEU A 249 39.47 3.44 12.75
CA LEU A 249 40.24 2.51 13.56
C LEU A 249 39.38 1.32 13.98
N PHE A 250 40.06 0.20 14.25
CA PHE A 250 39.39 -1.01 14.70
C PHE A 250 40.32 -1.80 15.61
N GLU A 251 39.76 -2.29 16.72
CA GLU A 251 40.49 -3.13 17.66
C GLU A 251 39.99 -4.56 17.48
N ILE A 252 40.54 -5.24 16.48
CA ILE A 252 40.19 -6.64 16.26
C ILE A 252 41.03 -7.50 17.19
N ASP A 253 40.63 -7.56 18.46
CA ASP A 253 41.20 -8.45 19.46
C ASP A 253 42.62 -8.04 19.88
N GLY A 254 42.73 -6.98 20.67
CA GLY A 254 43.97 -6.63 21.34
C GLY A 254 44.93 -5.78 20.55
N VAL A 255 44.73 -5.62 19.24
CA VAL A 255 45.64 -4.87 18.39
C VAL A 255 44.83 -3.84 17.60
N ILE A 256 45.43 -2.67 17.38
CA ILE A 256 44.75 -1.54 16.74
C ILE A 256 45.17 -1.51 15.27
N TYR A 257 44.17 -1.42 14.39
CA TYR A 257 44.41 -1.34 12.96
C TYR A 257 43.52 -0.24 12.39
N PHE A 258 43.97 0.33 11.27
CA PHE A 258 43.24 1.37 10.57
C PHE A 258 42.89 0.86 9.17
N PHE A 259 41.60 0.73 8.90
CA PHE A 259 41.11 0.32 7.60
C PHE A 259 40.72 1.55 6.78
N GLY A 260 40.92 1.46 5.48
CA GLY A 260 40.55 2.53 4.59
C GLY A 260 39.04 2.66 4.47
N VAL A 261 38.57 3.31 3.41
CA VAL A 261 37.12 3.42 3.20
C VAL A 261 36.58 2.18 2.52
N ASP A 262 37.39 1.53 1.68
CA ASP A 262 36.99 0.34 0.95
C ASP A 262 37.38 -0.95 1.66
N GLY A 263 37.94 -0.86 2.86
CA GLY A 263 38.32 -2.03 3.63
C GLY A 263 39.78 -2.42 3.54
N VAL A 264 40.64 -1.54 3.02
CA VAL A 264 42.06 -1.84 2.89
C VAL A 264 42.77 -1.34 4.14
N LYS A 265 43.39 -2.28 4.87
CA LYS A 265 44.16 -1.94 6.06
C LYS A 265 45.42 -1.17 5.67
N ALA A 266 45.87 -0.33 6.60
CA ALA A 266 47.08 0.46 6.38
C ALA A 266 48.27 -0.16 7.11
N GLU B 1 -12.94 -12.86 0.16
CA GLU B 1 -14.13 -13.45 -0.53
C GLU B 1 -15.40 -12.66 -0.25
N ILE B 2 -15.78 -12.58 1.02
CA ILE B 2 -17.11 -12.10 1.39
C ILE B 2 -17.25 -10.63 1.01
N VAL B 3 -18.21 -10.36 0.12
CA VAL B 3 -18.54 -9.00 -0.31
C VAL B 3 -20.02 -8.77 -0.02
N LEU B 4 -20.31 -7.73 0.75
CA LEU B 4 -21.68 -7.36 1.08
C LEU B 4 -22.16 -6.27 0.14
N THR B 5 -23.43 -6.34 -0.24
CA THR B 5 -24.01 -5.47 -1.25
C THR B 5 -25.36 -4.97 -0.75
N GLN B 6 -25.52 -3.65 -0.75
CA GLN B 6 -26.78 -3.00 -0.37
C GLN B 6 -27.68 -2.92 -1.60
N SER B 7 -28.85 -3.55 -1.53
CA SER B 7 -29.62 -3.76 -2.77
C SER B 7 -30.20 -2.46 -3.32
N PRO B 8 -30.84 -1.59 -2.50
CA PRO B 8 -31.28 -0.30 -3.06
C PRO B 8 -30.32 0.81 -2.64
N ALA B 9 -29.60 1.38 -3.60
CA ALA B 9 -28.63 2.42 -3.26
C ALA B 9 -29.31 3.55 -2.48
N THR B 10 -30.38 4.09 -3.03
CA THR B 10 -31.22 5.08 -2.36
C THR B 10 -32.65 4.55 -2.33
N LEU B 11 -33.34 4.84 -1.22
CA LEU B 11 -34.74 4.46 -1.06
C LEU B 11 -35.52 5.68 -0.59
N SER B 12 -36.49 6.12 -1.40
CA SER B 12 -37.27 7.33 -1.16
C SER B 12 -38.69 6.93 -0.77
N LEU B 13 -39.02 7.08 0.52
CA LEU B 13 -40.36 6.77 1.04
C LEU B 13 -40.81 7.93 1.91
N SER B 14 -42.02 7.81 2.44
CA SER B 14 -42.62 8.83 3.28
C SER B 14 -42.83 8.28 4.69
N PRO B 15 -42.88 9.16 5.70
CA PRO B 15 -43.10 8.68 7.07
C PRO B 15 -44.45 8.01 7.21
N GLY B 16 -44.52 7.07 8.16
CA GLY B 16 -45.69 6.25 8.33
C GLY B 16 -45.73 5.02 7.45
N GLU B 17 -44.83 4.91 6.48
CA GLU B 17 -44.81 3.81 5.53
C GLU B 17 -43.76 2.78 5.91
N ARG B 18 -44.02 1.53 5.54
CA ARG B 18 -43.10 0.45 5.83
C ARG B 18 -41.94 0.46 4.84
N ALA B 19 -40.74 0.16 5.34
CA ALA B 19 -39.52 0.24 4.55
C ALA B 19 -38.73 -1.06 4.69
N THR B 20 -37.99 -1.39 3.64
CA THR B 20 -37.20 -2.61 3.60
C THR B 20 -35.79 -2.29 3.09
N LEU B 21 -34.79 -2.74 3.83
CA LEU B 21 -33.40 -2.68 3.39
C LEU B 21 -32.90 -4.11 3.24
N SER B 22 -32.21 -4.39 2.14
CA SER B 22 -31.64 -5.71 1.90
C SER B 22 -30.13 -5.60 1.82
N CYS B 23 -29.47 -6.66 2.26
CA CYS B 23 -28.01 -6.76 2.23
C CYS B 23 -27.66 -8.19 1.85
N ARG B 24 -27.33 -8.39 0.58
CA ARG B 24 -27.06 -9.72 0.02
C ARG B 24 -25.55 -9.95 0.04
N ALA B 25 -25.15 -11.13 0.51
CA ALA B 25 -23.75 -11.48 0.63
C ALA B 25 -23.32 -12.38 -0.53
N SER B 26 -22.01 -12.37 -0.82
CA SER B 26 -21.50 -13.21 -1.91
C SER B 26 -21.50 -14.69 -1.55
N SER B 27 -21.57 -15.03 -0.28
CA SER B 27 -21.50 -16.42 0.17
C SER B 27 -22.45 -16.61 1.35
N SER B 28 -22.41 -17.79 1.96
CA SER B 28 -23.27 -18.13 3.09
C SER B 28 -22.60 -17.66 4.38
N VAL B 29 -23.28 -16.82 5.14
CA VAL B 29 -22.78 -16.30 6.41
C VAL B 29 -23.84 -16.50 7.47
N ASN B 30 -23.40 -16.64 8.72
CA ASN B 30 -24.31 -16.98 9.80
C ASN B 30 -25.09 -15.75 10.29
N TYR B 31 -24.38 -14.66 10.56
CA TYR B 31 -24.97 -13.48 11.20
C TYR B 31 -24.72 -12.24 10.37
N MET B 32 -25.56 -11.22 10.57
CA MET B 32 -25.44 -9.95 9.88
C MET B 32 -25.83 -8.80 10.81
N ASN B 33 -24.94 -7.82 10.95
CA ASN B 33 -25.16 -6.69 11.85
C ASN B 33 -25.53 -5.46 11.02
N TRP B 34 -26.54 -4.73 11.47
CA TRP B 34 -27.00 -3.52 10.80
C TRP B 34 -26.66 -2.30 11.65
N TYR B 35 -26.18 -1.26 10.99
CA TYR B 35 -25.82 -0.01 11.66
C TYR B 35 -26.65 1.13 11.07
N GLN B 36 -26.29 2.36 11.46
CA GLN B 36 -27.01 3.55 11.02
C GLN B 36 -26.09 4.74 11.24
N GLN B 37 -26.19 5.73 10.36
CA GLN B 37 -25.35 6.93 10.47
C GLN B 37 -26.09 8.15 9.95
N LYS B 38 -26.14 9.18 10.78
CA LYS B 38 -26.58 10.51 10.38
C LYS B 38 -25.41 11.31 9.83
N PRO B 39 -25.67 12.34 9.03
CA PRO B 39 -24.56 13.15 8.52
C PRO B 39 -23.85 13.89 9.65
N GLY B 40 -22.53 13.76 9.69
CA GLY B 40 -21.73 14.38 10.73
C GLY B 40 -21.71 13.65 12.05
N GLN B 41 -22.18 12.41 12.09
CA GLN B 41 -22.23 11.63 13.31
C GLN B 41 -21.63 10.25 13.05
N ALA B 42 -21.14 9.63 14.12
CA ALA B 42 -20.58 8.30 14.02
C ALA B 42 -21.68 7.27 13.84
N PRO B 43 -21.37 6.12 13.24
CA PRO B 43 -22.40 5.09 13.04
C PRO B 43 -22.94 4.59 14.37
N ARG B 44 -24.27 4.51 14.45
CA ARG B 44 -24.96 4.04 15.65
C ARG B 44 -25.42 2.60 15.44
N PRO B 45 -25.14 1.69 16.36
CA PRO B 45 -25.52 0.28 16.13
C PRO B 45 -27.02 0.09 16.17
N LEU B 46 -27.56 -0.53 15.12
CA LEU B 46 -28.99 -0.76 14.97
C LEU B 46 -29.39 -2.17 15.35
N ILE B 47 -28.85 -3.18 14.65
CA ILE B 47 -29.16 -4.58 14.88
C ILE B 47 -27.84 -5.35 14.97
N TYR B 48 -27.87 -6.44 15.74
CA TYR B 48 -26.72 -7.34 15.81
C TYR B 48 -27.23 -8.78 15.75
N ALA B 49 -26.30 -9.71 15.52
CA ALA B 49 -26.64 -11.07 15.14
C ALA B 49 -27.42 -11.05 13.83
N THR B 50 -28.72 -11.31 13.89
CA THR B 50 -29.58 -10.95 12.76
C THR B 50 -30.84 -10.27 13.26
N SER B 51 -31.50 -10.91 14.22
CA SER B 51 -32.76 -10.40 14.77
C SER B 51 -32.55 -9.44 15.93
N ASN B 52 -31.64 -9.77 16.83
CA ASN B 52 -31.51 -9.05 18.09
C ASN B 52 -31.08 -7.60 17.85
N LEU B 53 -31.73 -6.67 18.55
CA LEU B 53 -31.48 -5.24 18.43
C LEU B 53 -30.73 -4.74 19.65
N ALA B 54 -30.25 -3.50 19.55
CA ALA B 54 -29.47 -2.86 20.61
C ALA B 54 -30.36 -1.91 21.41
N SER B 55 -29.79 -1.41 22.51
CA SER B 55 -30.53 -0.50 23.37
C SER B 55 -30.71 0.85 22.69
N GLY B 56 -31.83 1.49 22.99
CA GLY B 56 -32.18 2.74 22.35
C GLY B 56 -32.71 2.59 20.94
N ILE B 57 -33.04 1.38 20.53
CA ILE B 57 -33.59 1.09 19.21
C ILE B 57 -35.06 0.74 19.39
N PRO B 58 -36.00 1.53 18.88
CA PRO B 58 -37.42 1.23 19.09
C PRO B 58 -37.79 -0.14 18.56
N ALA B 59 -39.03 -0.53 18.85
CA ALA B 59 -39.58 -1.77 18.35
C ALA B 59 -40.01 -1.69 16.90
N ARG B 60 -39.90 -0.51 16.28
CA ARG B 60 -40.14 -0.40 14.85
C ARG B 60 -39.20 -1.32 14.07
N PHE B 61 -37.89 -1.15 14.26
CA PHE B 61 -36.90 -1.89 13.51
C PHE B 61 -36.99 -3.38 13.80
N SER B 62 -37.06 -4.17 12.74
CA SER B 62 -36.95 -5.62 12.83
C SER B 62 -35.80 -6.07 11.92
N GLY B 63 -35.34 -7.30 12.16
CA GLY B 63 -34.26 -7.85 11.38
C GLY B 63 -34.37 -9.34 11.19
N SER B 64 -34.16 -9.81 9.97
CA SER B 64 -34.32 -11.23 9.68
C SER B 64 -33.58 -11.57 8.40
N GLY B 65 -33.19 -12.83 8.27
CA GLY B 65 -32.50 -13.29 7.08
C GLY B 65 -31.86 -14.64 7.32
N SER B 66 -31.36 -15.21 6.23
CA SER B 66 -30.72 -16.52 6.26
C SER B 66 -29.76 -16.62 5.09
N GLY B 67 -28.65 -17.30 5.34
CA GLY B 67 -27.65 -17.56 4.31
C GLY B 67 -27.20 -16.33 3.57
N THR B 68 -27.60 -16.21 2.31
CA THR B 68 -27.08 -15.17 1.43
C THR B 68 -27.79 -13.84 1.60
N ASP B 69 -29.09 -13.86 1.93
CA ASP B 69 -29.92 -12.65 1.92
C ASP B 69 -30.37 -12.31 3.34
N PHE B 70 -30.26 -11.03 3.67
CA PHE B 70 -30.71 -10.49 4.95
C PHE B 70 -31.47 -9.19 4.70
N THR B 71 -32.51 -8.95 5.49
CA THR B 71 -33.41 -7.82 5.29
C THR B 71 -33.61 -7.06 6.60
N LEU B 72 -33.25 -5.78 6.60
CA LEU B 72 -33.63 -4.85 7.66
C LEU B 72 -34.92 -4.15 7.26
N THR B 73 -35.86 -4.04 8.19
CA THR B 73 -37.17 -3.49 7.88
C THR B 73 -37.65 -2.62 9.04
N ILE B 74 -38.35 -1.56 8.70
CA ILE B 74 -38.91 -0.61 9.66
C ILE B 74 -40.42 -0.62 9.50
N SER B 75 -41.12 -1.03 10.56
CA SER B 75 -42.57 -1.20 10.49
C SER B 75 -43.26 0.08 10.03
N SER B 76 -42.96 1.21 10.67
CA SER B 76 -43.59 2.48 10.34
C SER B 76 -42.58 3.59 10.49
N LEU B 77 -42.25 4.25 9.39
CA LEU B 77 -41.20 5.27 9.42
C LEU B 77 -41.65 6.50 10.19
N GLU B 78 -40.73 7.09 10.94
CA GLU B 78 -40.91 8.39 11.57
C GLU B 78 -39.78 9.33 11.16
N PRO B 79 -40.03 10.65 11.14
CA PRO B 79 -39.09 11.58 10.49
C PRO B 79 -37.62 11.40 10.88
N GLU B 80 -37.36 10.80 12.03
CA GLU B 80 -35.99 10.66 12.51
C GLU B 80 -35.24 9.51 11.86
N ASP B 81 -35.95 8.51 11.33
CA ASP B 81 -35.32 7.27 10.85
C ASP B 81 -34.60 7.44 9.52
N PHE B 82 -34.78 8.56 8.82
CA PHE B 82 -34.19 8.73 7.50
C PHE B 82 -32.69 8.97 7.64
N ALA B 83 -31.90 8.00 7.19
CA ALA B 83 -30.45 8.05 7.31
C ALA B 83 -29.88 6.90 6.50
N VAL B 84 -28.56 6.77 6.53
CA VAL B 84 -27.86 5.69 5.84
C VAL B 84 -27.84 4.46 6.74
N TYR B 85 -27.94 3.28 6.13
CA TYR B 85 -27.97 2.01 6.86
C TYR B 85 -26.94 1.07 6.27
N TYR B 86 -25.89 0.77 7.05
CA TYR B 86 -24.87 -0.18 6.65
C TYR B 86 -25.13 -1.53 7.31
N CYS B 87 -24.80 -2.59 6.59
CA CYS B 87 -24.73 -3.92 7.17
C CYS B 87 -23.28 -4.30 7.40
N GLN B 88 -23.07 -5.42 8.08
CA GLN B 88 -21.72 -5.86 8.40
C GLN B 88 -21.74 -7.34 8.77
N GLN B 89 -20.74 -8.07 8.29
CA GLN B 89 -20.46 -9.43 8.74
C GLN B 89 -19.27 -9.39 9.67
N TRP B 90 -19.40 -10.00 10.85
CA TRP B 90 -18.39 -9.84 11.89
C TRP B 90 -17.12 -10.61 11.55
N SER B 91 -17.24 -11.89 11.21
CA SER B 91 -16.06 -12.73 11.02
C SER B 91 -15.03 -12.10 10.10
N SER B 92 -15.47 -11.36 9.08
CA SER B 92 -14.58 -10.63 8.19
C SER B 92 -14.62 -9.13 8.39
N ARG B 93 -15.55 -8.63 9.20
CA ARG B 93 -15.68 -7.19 9.48
C ARG B 93 -15.63 -6.37 8.20
N THR B 94 -16.29 -6.88 7.16
CA THR B 94 -16.55 -6.10 5.97
C THR B 94 -17.91 -5.41 6.11
N PHE B 95 -18.01 -4.23 5.50
CA PHE B 95 -19.22 -3.43 5.56
C PHE B 95 -19.88 -3.36 4.19
N GLY B 96 -21.18 -3.13 4.20
CA GLY B 96 -21.88 -2.80 2.99
C GLY B 96 -21.62 -1.37 2.57
N GLY B 97 -22.10 -1.04 1.37
CA GLY B 97 -21.93 0.30 0.84
C GLY B 97 -22.96 1.31 1.30
N GLY B 98 -23.86 0.91 2.18
CA GLY B 98 -24.91 1.78 2.66
C GLY B 98 -26.11 1.92 1.75
N THR B 99 -27.30 2.03 2.35
CA THR B 99 -28.52 2.44 1.66
C THR B 99 -28.98 3.75 2.27
N LYS B 100 -29.11 4.78 1.45
CA LYS B 100 -29.59 6.07 1.93
C LYS B 100 -31.11 6.09 1.88
N LEU B 101 -31.73 6.27 3.03
CA LEU B 101 -33.18 6.32 3.15
C LEU B 101 -33.59 7.78 3.25
N GLU B 102 -34.23 8.30 2.20
CA GLU B 102 -34.58 9.70 2.12
C GLU B 102 -36.09 9.87 2.20
N ILE B 103 -36.50 11.09 2.51
CA ILE B 103 -37.92 11.44 2.59
C ILE B 103 -38.44 11.71 1.19
N LYS B 104 -39.46 10.95 0.78
CA LYS B 104 -40.09 11.21 -0.51
C LYS B 104 -41.12 12.31 -0.36
N ARG B 105 -41.08 13.28 -1.26
CA ARG B 105 -42.04 14.37 -1.29
C ARG B 105 -42.43 14.64 -2.74
N THR B 106 -43.33 15.60 -2.93
CA THR B 106 -43.75 16.00 -4.25
C THR B 106 -42.58 16.61 -5.02
N VAL B 107 -42.67 16.56 -6.35
CA VAL B 107 -41.69 17.24 -7.17
C VAL B 107 -41.71 18.72 -6.86
N ALA B 108 -40.52 19.33 -6.80
CA ALA B 108 -40.39 20.75 -6.50
C ALA B 108 -39.42 21.36 -7.51
N ALA B 109 -39.87 22.39 -8.21
CA ALA B 109 -39.02 23.05 -9.17
C ALA B 109 -38.00 23.96 -8.48
N PRO B 110 -36.79 24.08 -9.01
CA PRO B 110 -35.79 24.94 -8.39
C PRO B 110 -36.02 26.40 -8.67
N SER B 111 -35.61 27.23 -7.71
CA SER B 111 -35.41 28.65 -7.93
C SER B 111 -33.95 28.85 -8.30
N VAL B 112 -33.71 29.52 -9.43
CA VAL B 112 -32.37 29.67 -9.99
C VAL B 112 -31.92 31.10 -9.78
N PHE B 113 -30.68 31.27 -9.32
CA PHE B 113 -30.10 32.58 -9.07
C PHE B 113 -28.65 32.56 -9.52
N ILE B 114 -28.19 33.69 -10.07
CA ILE B 114 -26.84 33.83 -10.58
C ILE B 114 -26.15 34.94 -9.79
N PHE B 115 -24.86 34.78 -9.56
CA PHE B 115 -24.08 35.72 -8.76
C PHE B 115 -22.80 36.09 -9.51
N PRO B 116 -22.54 37.38 -9.73
CA PRO B 116 -21.29 37.79 -10.37
C PRO B 116 -20.13 37.75 -9.39
N PRO B 117 -18.89 37.78 -9.89
CA PRO B 117 -17.74 37.83 -8.97
C PRO B 117 -17.67 39.15 -8.21
N SER B 118 -16.88 39.12 -7.14
CA SER B 118 -16.70 40.27 -6.28
C SER B 118 -15.55 41.15 -6.78
N ASP B 119 -15.51 42.38 -6.27
CA ASP B 119 -14.50 43.35 -6.70
C ASP B 119 -13.11 42.95 -6.20
N GLU B 120 -12.98 42.68 -4.90
CA GLU B 120 -11.67 42.38 -4.35
C GLU B 120 -11.07 41.12 -4.98
N GLN B 121 -11.92 40.24 -5.49
CA GLN B 121 -11.42 39.03 -6.14
C GLN B 121 -10.85 39.33 -7.52
N LEU B 122 -11.50 40.23 -8.27
CA LEU B 122 -11.03 40.56 -9.62
C LEU B 122 -9.60 41.10 -9.57
N LYS B 123 -9.35 42.09 -8.71
CA LYS B 123 -8.03 42.70 -8.65
C LYS B 123 -6.96 41.70 -8.24
N SER B 124 -7.35 40.55 -7.70
CA SER B 124 -6.40 39.54 -7.26
C SER B 124 -6.04 38.55 -8.37
N GLY B 125 -6.67 38.63 -9.53
CA GLY B 125 -6.31 37.81 -10.67
C GLY B 125 -7.18 36.61 -10.92
N THR B 126 -8.28 36.44 -10.17
CA THR B 126 -9.19 35.33 -10.34
C THR B 126 -10.62 35.83 -10.40
N ALA B 127 -11.49 35.04 -11.04
CA ALA B 127 -12.91 35.34 -11.17
C ALA B 127 -13.70 34.07 -10.91
N SER B 128 -14.61 34.13 -9.95
CA SER B 128 -15.48 33.01 -9.60
C SER B 128 -16.93 33.42 -9.88
N VAL B 129 -17.61 32.61 -10.70
CA VAL B 129 -19.03 32.80 -11.00
C VAL B 129 -19.79 31.62 -10.39
N VAL B 130 -20.88 31.94 -9.68
CA VAL B 130 -21.65 30.95 -8.92
C VAL B 130 -23.06 30.87 -9.47
N CYS B 131 -23.56 29.65 -9.61
CA CYS B 131 -24.95 29.39 -9.98
C CYS B 131 -25.58 28.54 -8.89
N LEU B 132 -26.74 28.96 -8.40
CA LEU B 132 -27.39 28.37 -7.24
C LEU B 132 -28.79 27.91 -7.59
N LEU B 133 -29.10 26.65 -7.28
CA LEU B 133 -30.44 26.09 -7.45
C LEU B 133 -31.01 25.85 -6.06
N ASN B 134 -32.13 26.51 -5.74
CA ASN B 134 -32.65 26.58 -4.38
C ASN B 134 -33.93 25.75 -4.26
N ASN B 135 -33.98 24.89 -3.24
CA ASN B 135 -35.20 24.22 -2.80
C ASN B 135 -35.89 23.50 -3.97
N PHE B 136 -35.26 22.40 -4.39
CA PHE B 136 -35.80 21.56 -5.46
C PHE B 136 -35.79 20.11 -5.03
N TYR B 137 -36.56 19.30 -5.76
CA TYR B 137 -36.67 17.88 -5.51
C TYR B 137 -37.19 17.25 -6.79
N PRO B 138 -36.66 16.10 -7.23
CA PRO B 138 -35.60 15.28 -6.62
C PRO B 138 -34.20 15.86 -6.80
N ARG B 139 -33.21 15.11 -6.31
CA ARG B 139 -31.83 15.57 -6.33
C ARG B 139 -31.28 15.66 -7.75
N GLU B 140 -31.74 14.80 -8.65
CA GLU B 140 -31.17 14.75 -9.99
C GLU B 140 -31.35 16.08 -10.69
N ALA B 141 -30.23 16.62 -11.18
CA ALA B 141 -30.24 17.87 -11.92
C ALA B 141 -28.93 17.98 -12.69
N LYS B 142 -29.01 18.59 -13.87
CA LYS B 142 -27.84 18.85 -14.70
C LYS B 142 -27.70 20.35 -14.88
N VAL B 143 -26.53 20.86 -14.53
CA VAL B 143 -26.21 22.28 -14.69
C VAL B 143 -25.21 22.41 -15.83
N GLN B 144 -25.53 23.27 -16.80
CA GLN B 144 -24.74 23.40 -18.02
C GLN B 144 -24.21 24.83 -18.09
N TRP B 145 -22.90 24.98 -17.90
CA TRP B 145 -22.25 26.27 -18.04
C TRP B 145 -22.04 26.62 -19.51
N LYS B 146 -22.36 27.86 -19.87
CA LYS B 146 -22.02 28.40 -21.17
C LYS B 146 -21.37 29.76 -20.99
N VAL B 147 -20.35 30.03 -21.78
CA VAL B 147 -19.65 31.31 -21.77
C VAL B 147 -19.71 31.87 -23.18
N ASP B 148 -20.43 32.98 -23.35
CA ASP B 148 -20.76 33.49 -24.68
C ASP B 148 -21.34 32.37 -25.54
N ASN B 149 -22.21 31.55 -24.93
CA ASN B 149 -22.90 30.42 -25.54
C ASN B 149 -21.99 29.23 -25.80
N ALA B 150 -20.69 29.33 -25.50
CA ALA B 150 -19.79 28.19 -25.60
C ALA B 150 -19.89 27.38 -24.31
N LEU B 151 -20.29 26.11 -24.44
CA LEU B 151 -20.44 25.26 -23.27
C LEU B 151 -19.08 24.70 -22.91
N GLN B 152 -18.68 24.88 -21.65
CA GLN B 152 -17.54 24.20 -21.07
C GLN B 152 -18.05 23.13 -20.11
N SER B 153 -17.65 21.88 -20.34
CA SER B 153 -17.99 20.79 -19.45
C SER B 153 -16.86 20.46 -18.47
N GLY B 154 -15.75 21.19 -18.55
CA GLY B 154 -14.56 20.82 -17.82
C GLY B 154 -14.19 21.73 -16.67
N ASN B 155 -14.62 22.99 -16.70
CA ASN B 155 -14.20 23.97 -15.71
C ASN B 155 -15.39 24.29 -14.80
N SER B 156 -15.58 23.47 -13.77
CA SER B 156 -16.59 23.75 -12.76
C SER B 156 -16.55 22.65 -11.71
N GLN B 157 -17.06 22.99 -10.53
CA GLN B 157 -17.24 22.05 -9.43
C GLN B 157 -18.55 22.37 -8.72
N GLU B 158 -19.25 21.31 -8.31
CA GLU B 158 -20.59 21.42 -7.76
C GLU B 158 -20.65 20.80 -6.38
N SER B 159 -21.54 21.33 -5.54
CA SER B 159 -21.83 20.75 -4.24
C SER B 159 -23.30 20.94 -3.92
N VAL B 160 -23.85 20.02 -3.13
CA VAL B 160 -25.28 19.92 -2.89
C VAL B 160 -25.52 19.77 -1.40
N THR B 161 -26.55 20.46 -0.89
CA THR B 161 -26.90 20.36 0.52
C THR B 161 -27.63 19.06 0.81
N GLU B 162 -27.63 18.68 2.08
CA GLU B 162 -28.43 17.56 2.53
C GLU B 162 -29.91 17.90 2.42
N GLN B 163 -30.75 16.87 2.45
CA GLN B 163 -32.18 17.06 2.35
C GLN B 163 -32.68 17.90 3.51
N ASP B 164 -33.44 18.95 3.19
CA ASP B 164 -33.86 19.90 4.20
C ASP B 164 -34.83 19.26 5.19
N SER B 165 -34.71 19.64 6.45
CA SER B 165 -35.51 19.03 7.51
C SER B 165 -36.98 19.47 7.45
N LYS B 166 -37.25 20.68 6.95
CA LYS B 166 -38.59 21.24 7.00
C LYS B 166 -39.42 20.94 5.77
N ASP B 167 -38.82 21.05 4.57
CA ASP B 167 -39.55 20.80 3.33
C ASP B 167 -38.93 19.69 2.49
N SER B 168 -37.86 19.03 2.97
CA SER B 168 -37.30 17.85 2.32
C SER B 168 -36.76 18.14 0.93
N THR B 169 -36.34 19.38 0.68
CA THR B 169 -35.75 19.76 -0.60
C THR B 169 -34.24 19.74 -0.53
N TYR B 170 -33.62 19.80 -1.70
CA TYR B 170 -32.17 19.92 -1.83
C TYR B 170 -31.83 21.27 -2.44
N SER B 171 -30.60 21.70 -2.21
CA SER B 171 -30.05 22.87 -2.84
C SER B 171 -28.68 22.53 -3.41
N LEU B 172 -28.34 23.17 -4.53
CA LEU B 172 -27.12 22.88 -5.26
C LEU B 172 -26.40 24.17 -5.58
N SER B 173 -25.08 24.13 -5.51
CA SER B 173 -24.22 25.24 -5.90
C SER B 173 -23.27 24.78 -6.99
N SER B 174 -23.22 25.52 -8.09
CA SER B 174 -22.28 25.28 -9.18
C SER B 174 -21.42 26.51 -9.36
N THR B 175 -20.10 26.31 -9.40
CA THR B 175 -19.15 27.42 -9.48
C THR B 175 -18.22 27.21 -10.67
N LEU B 176 -18.18 28.20 -11.55
CA LEU B 176 -17.23 28.24 -12.66
C LEU B 176 -16.03 29.08 -12.23
N THR B 177 -14.84 28.49 -12.31
CA THR B 177 -13.61 29.13 -11.88
C THR B 177 -12.63 29.20 -13.05
N LEU B 178 -12.17 30.40 -13.36
CA LEU B 178 -11.09 30.62 -14.31
C LEU B 178 -10.25 31.80 -13.84
N SER B 179 -8.98 31.80 -14.22
CA SER B 179 -8.11 32.93 -13.92
C SER B 179 -8.72 34.21 -14.49
N LYS B 180 -8.24 35.35 -14.00
CA LYS B 180 -8.62 36.61 -14.63
C LYS B 180 -8.25 36.60 -16.10
N ALA B 181 -7.05 36.12 -16.43
CA ALA B 181 -6.75 35.69 -17.78
C ALA B 181 -7.83 34.74 -18.27
N ASP B 182 -8.26 34.94 -19.52
CA ASP B 182 -9.31 34.13 -20.14
C ASP B 182 -10.70 34.46 -19.60
N TYR B 183 -10.87 35.61 -18.96
CA TYR B 183 -12.18 36.04 -18.47
C TYR B 183 -12.66 37.30 -19.17
N GLU B 184 -11.91 38.40 -19.09
CA GLU B 184 -12.42 39.69 -19.53
C GLU B 184 -12.73 39.72 -21.02
N LYS B 185 -12.13 38.85 -21.83
CA LYS B 185 -12.38 38.87 -23.27
C LYS B 185 -13.69 38.20 -23.66
N HIS B 186 -14.44 37.66 -22.70
CA HIS B 186 -15.78 37.17 -22.94
C HIS B 186 -16.80 38.09 -22.24
N LYS B 187 -18.04 38.06 -22.73
CA LYS B 187 -19.08 38.99 -22.31
C LYS B 187 -20.11 38.30 -21.43
N VAL B 188 -20.94 37.43 -22.00
CA VAL B 188 -22.18 36.98 -21.36
C VAL B 188 -21.93 35.62 -20.72
N TYR B 189 -22.29 35.50 -19.44
CA TYR B 189 -22.10 34.27 -18.67
C TYR B 189 -23.46 33.75 -18.27
N ALA B 190 -23.76 32.52 -18.68
CA ALA B 190 -25.09 31.96 -18.55
C ALA B 190 -25.02 30.60 -17.89
N CYS B 191 -26.06 30.28 -17.13
CA CYS B 191 -26.16 29.03 -16.40
C CYS B 191 -27.47 28.34 -16.82
N GLU B 192 -27.35 27.21 -17.51
CA GLU B 192 -28.51 26.46 -17.98
C GLU B 192 -28.83 25.35 -16.99
N VAL B 193 -30.08 25.32 -16.53
CA VAL B 193 -30.53 24.38 -15.50
C VAL B 193 -31.57 23.45 -16.11
N THR B 194 -31.38 22.15 -15.90
CA THR B 194 -32.33 21.12 -16.34
C THR B 194 -32.79 20.34 -15.12
N HIS B 195 -34.09 20.16 -14.99
CA HIS B 195 -34.63 19.47 -13.81
C HIS B 195 -36.02 18.93 -14.12
N GLN B 196 -36.38 17.87 -13.40
CA GLN B 196 -37.65 17.18 -13.63
C GLN B 196 -38.84 18.12 -13.49
N GLY B 197 -38.74 19.14 -12.65
CA GLY B 197 -39.82 20.08 -12.42
C GLY B 197 -39.90 21.23 -13.38
N LEU B 198 -38.97 21.34 -14.33
CA LEU B 198 -38.94 22.44 -15.29
C LEU B 198 -39.43 21.95 -16.65
N SER B 199 -40.48 22.59 -17.16
CA SER B 199 -41.01 22.21 -18.46
C SER B 199 -39.95 22.33 -19.55
N SER B 200 -39.17 23.40 -19.52
CA SER B 200 -38.05 23.58 -20.43
C SER B 200 -36.87 24.12 -19.62
N PRO B 201 -35.65 24.01 -20.14
CA PRO B 201 -34.49 24.50 -19.40
C PRO B 201 -34.62 25.97 -19.05
N VAL B 202 -34.21 26.31 -17.83
CA VAL B 202 -34.19 27.68 -17.35
C VAL B 202 -32.76 28.19 -17.41
N THR B 203 -32.56 29.34 -18.05
CA THR B 203 -31.25 29.95 -18.20
C THR B 203 -31.22 31.28 -17.47
N LYS B 204 -30.18 31.50 -16.67
CA LYS B 204 -29.93 32.76 -16.00
C LYS B 204 -28.64 33.36 -16.53
N SER B 205 -28.66 34.66 -16.80
CA SER B 205 -27.60 35.34 -17.54
C SER B 205 -26.79 36.25 -16.64
N PHE B 206 -25.67 36.70 -17.20
CA PHE B 206 -24.82 37.73 -16.60
C PHE B 206 -24.19 38.51 -17.74
N ASN B 207 -23.89 39.77 -17.49
CA ASN B 207 -23.47 40.69 -18.54
C ASN B 207 -21.96 40.83 -18.59
N ARG B 208 -21.48 41.50 -19.64
CA ARG B 208 -20.07 41.82 -19.79
C ARG B 208 -19.51 42.41 -18.51
N GLY B 209 -20.34 43.14 -17.78
CA GLY B 209 -19.94 43.74 -16.52
C GLY B 209 -20.99 44.74 -16.06
N GLU B 210 -20.52 45.75 -15.34
CA GLU B 210 -21.38 46.86 -14.92
C GLU B 210 -22.45 46.39 -13.94
N VAL C 2 -20.73 4.96 29.96
CA VAL C 2 -19.83 4.21 29.07
C VAL C 2 -19.67 4.94 27.75
N GLN C 3 -18.53 5.60 27.57
CA GLN C 3 -18.26 6.36 26.36
C GLN C 3 -16.79 6.21 26.00
N LEU C 4 -16.51 6.44 24.71
CA LEU C 4 -15.17 6.48 24.18
C LEU C 4 -14.90 7.88 23.64
N VAL C 5 -13.69 8.38 23.89
CA VAL C 5 -13.29 9.73 23.50
C VAL C 5 -11.93 9.66 22.84
N GLN C 6 -11.84 10.14 21.61
CA GLN C 6 -10.63 10.03 20.81
C GLN C 6 -9.89 11.38 20.76
N SER C 7 -8.76 11.37 20.06
CA SER C 7 -7.91 12.55 19.96
C SER C 7 -8.61 13.62 19.11
N GLY C 8 -7.90 14.72 18.85
CA GLY C 8 -8.39 15.75 17.96
C GLY C 8 -7.87 15.55 16.53
N ALA C 9 -8.35 16.41 15.64
CA ALA C 9 -8.04 16.30 14.22
C ALA C 9 -6.57 16.62 14.01
N GLU C 10 -5.76 15.59 13.75
CA GLU C 10 -4.37 15.78 13.36
C GLU C 10 -4.29 15.90 11.84
N VAL C 11 -3.30 16.65 11.37
CA VAL C 11 -3.15 16.98 9.96
C VAL C 11 -1.70 16.80 9.60
N LYS C 12 -1.43 15.92 8.64
CA LYS C 12 -0.08 15.54 8.28
C LYS C 12 0.12 15.64 6.77
N LYS C 13 1.39 15.54 6.36
CA LYS C 13 1.76 15.55 4.96
C LYS C 13 2.19 14.14 4.53
N PRO C 14 2.06 13.82 3.24
CA PRO C 14 2.35 12.45 2.80
C PRO C 14 3.74 11.98 3.24
N GLY C 15 3.80 10.75 3.72
CA GLY C 15 5.02 10.15 4.21
C GLY C 15 5.17 10.17 5.71
N ALA C 16 4.39 10.99 6.41
CA ALA C 16 4.47 11.12 7.85
C ALA C 16 3.70 9.98 8.51
N SER C 17 3.43 10.12 9.80
CA SER C 17 2.64 9.15 10.57
C SER C 17 1.58 9.90 11.36
N VAL C 18 0.76 9.14 12.09
CA VAL C 18 -0.30 9.74 12.90
C VAL C 18 -0.54 8.88 14.12
N LYS C 19 -0.90 9.54 15.21
CA LYS C 19 -1.22 8.91 16.49
C LYS C 19 -2.65 9.29 16.85
N VAL C 20 -3.52 8.30 16.95
CA VAL C 20 -4.91 8.50 17.35
C VAL C 20 -5.13 7.73 18.64
N SER C 21 -5.76 8.38 19.62
CA SER C 21 -6.02 7.79 20.92
C SER C 21 -7.52 7.58 21.09
N CYS C 22 -7.87 6.84 22.14
CA CYS C 22 -9.26 6.48 22.40
C CYS C 22 -9.42 6.25 23.89
N LYS C 23 -10.13 7.15 24.56
CA LYS C 23 -10.20 7.18 26.03
C LYS C 23 -11.44 6.42 26.47
N ALA C 24 -11.25 5.15 26.86
CA ALA C 24 -12.35 4.31 27.30
C ALA C 24 -12.76 4.69 28.72
N SER C 25 -14.07 4.81 28.94
CA SER C 25 -14.61 5.25 30.22
C SER C 25 -15.87 4.47 30.54
N GLY C 26 -16.14 4.32 31.84
CA GLY C 26 -17.40 3.76 32.29
C GLY C 26 -17.45 2.25 32.39
N TYR C 27 -16.35 1.54 32.18
CA TYR C 27 -16.39 0.08 32.19
C TYR C 27 -14.98 -0.44 32.43
N THR C 28 -14.88 -1.78 32.54
CA THR C 28 -13.61 -2.44 32.75
C THR C 28 -12.89 -2.54 31.41
N PHE C 29 -11.80 -1.77 31.27
CA PHE C 29 -11.10 -1.69 29.99
C PHE C 29 -10.58 -3.05 29.53
N THR C 30 -10.27 -3.95 30.46
CA THR C 30 -9.72 -5.25 30.08
C THR C 30 -10.79 -6.19 29.53
N ASP C 31 -12.07 -5.91 29.80
CA ASP C 31 -13.12 -6.85 29.46
C ASP C 31 -13.28 -6.99 27.94
N TYR C 32 -13.32 -5.87 27.23
CA TYR C 32 -13.73 -5.87 25.84
C TYR C 32 -12.53 -5.64 24.93
N ASN C 33 -12.80 -5.66 23.62
CA ASN C 33 -11.81 -5.38 22.59
C ASN C 33 -12.10 -4.04 21.95
N MET C 34 -11.06 -3.48 21.33
CA MET C 34 -11.15 -2.19 20.65
C MET C 34 -10.91 -2.38 19.17
N ASP C 35 -11.87 -1.97 18.36
CA ASP C 35 -11.76 -2.01 16.90
C ASP C 35 -11.54 -0.61 16.36
N TRP C 36 -10.66 -0.49 15.38
CA TRP C 36 -10.39 0.77 14.69
C TRP C 36 -11.01 0.71 13.30
N VAL C 37 -11.82 1.72 12.99
CA VAL C 37 -12.59 1.76 11.74
C VAL C 37 -12.53 3.18 11.20
N ARG C 38 -12.05 3.35 9.98
CA ARG C 38 -12.03 4.65 9.31
C ARG C 38 -13.13 4.72 8.26
N GLN C 39 -13.30 5.92 7.73
CA GLN C 39 -14.34 6.17 6.73
C GLN C 39 -13.88 7.33 5.86
N ALA C 40 -13.36 7.02 4.67
CA ALA C 40 -13.03 8.07 3.72
C ALA C 40 -14.28 8.90 3.43
N PRO C 41 -14.11 10.15 2.98
CA PRO C 41 -15.27 11.02 2.77
C PRO C 41 -16.38 10.38 1.95
N GLY C 42 -17.50 10.07 2.60
CA GLY C 42 -18.66 9.49 1.95
C GLY C 42 -18.50 8.07 1.46
N GLN C 43 -17.35 7.44 1.71
CA GLN C 43 -17.09 6.09 1.25
C GLN C 43 -17.56 5.08 2.31
N ARG C 44 -17.61 3.81 1.91
CA ARG C 44 -18.07 2.78 2.83
C ARG C 44 -17.10 2.62 3.98
N LEU C 45 -17.62 2.16 5.11
CA LEU C 45 -16.79 1.98 6.31
C LEU C 45 -15.74 0.90 6.06
N GLU C 46 -14.51 1.19 6.49
CA GLU C 46 -13.38 0.30 6.28
C GLU C 46 -12.80 -0.08 7.63
N TRP C 47 -12.70 -1.38 7.88
CA TRP C 47 -12.16 -1.90 9.13
C TRP C 47 -10.65 -2.06 9.02
N MET C 48 -9.92 -1.53 10.01
CA MET C 48 -8.46 -1.52 9.98
C MET C 48 -7.82 -2.55 10.89
N GLY C 49 -8.22 -2.60 12.16
CA GLY C 49 -7.64 -3.56 13.08
C GLY C 49 -8.31 -3.45 14.43
N ASP C 50 -8.02 -4.45 15.27
CA ASP C 50 -8.55 -4.50 16.63
C ASP C 50 -7.45 -4.97 17.56
N ILE C 51 -7.68 -4.79 18.86
CA ILE C 51 -6.70 -5.15 19.89
C ILE C 51 -7.43 -5.74 21.09
N ASN C 52 -6.80 -6.74 21.71
CA ASN C 52 -7.32 -7.36 22.93
C ASN C 52 -6.51 -6.83 24.10
N PRO C 53 -7.08 -5.99 24.97
CA PRO C 53 -6.26 -5.42 26.06
C PRO C 53 -5.65 -6.46 26.99
N LYS C 54 -6.26 -7.63 27.14
CA LYS C 54 -5.79 -8.54 28.18
C LYS C 54 -4.53 -9.29 27.75
N TYR C 55 -4.48 -9.76 26.51
CA TYR C 55 -3.41 -10.65 26.05
C TYR C 55 -2.46 -10.01 25.04
N ASP C 56 -2.67 -8.74 24.69
CA ASP C 56 -1.86 -8.08 23.65
C ASP C 56 -1.97 -8.85 22.34
N ILE C 57 -3.20 -9.06 21.89
CA ILE C 57 -3.51 -9.71 20.61
C ILE C 57 -3.96 -8.63 19.64
N ILE C 58 -3.26 -8.54 18.51
CA ILE C 58 -3.58 -7.55 17.49
C ILE C 58 -3.86 -8.28 16.18
N GLY C 59 -4.83 -7.75 15.42
CA GLY C 59 -5.10 -8.23 14.08
C GLY C 59 -5.30 -7.06 13.13
N HIS C 60 -4.65 -7.12 11.96
CA HIS C 60 -4.75 -6.07 10.96
C HIS C 60 -5.74 -6.46 9.86
N ASN C 61 -5.98 -5.51 8.97
CA ASN C 61 -6.63 -5.72 7.69
C ASN C 61 -5.55 -5.77 6.61
N PRO C 62 -5.49 -6.79 5.76
CA PRO C 62 -4.36 -6.90 4.83
C PRO C 62 -4.04 -5.62 4.08
N LYS C 63 -5.01 -4.73 3.88
CA LYS C 63 -4.77 -3.48 3.18
C LYS C 63 -3.66 -2.68 3.86
N PHE C 64 -3.62 -2.70 5.20
CA PHE C 64 -2.70 -1.86 5.96
C PHE C 64 -1.58 -2.66 6.61
N MET C 65 -1.33 -3.88 6.14
CA MET C 65 -0.35 -4.74 6.79
C MET C 65 0.98 -4.03 7.02
N GLY C 66 1.41 -3.23 6.05
CA GLY C 66 2.75 -2.66 6.11
C GLY C 66 2.91 -1.46 7.03
N ARG C 67 1.82 -0.86 7.49
CA ARG C 67 1.96 0.44 8.15
C ARG C 67 1.22 0.58 9.47
N VAL C 68 0.04 -0.03 9.63
CA VAL C 68 -0.75 0.20 10.84
C VAL C 68 -0.18 -0.60 11.99
N THR C 69 -0.21 -0.01 13.19
CA THR C 69 0.16 -0.70 14.43
C THR C 69 -0.74 -0.22 15.56
N ILE C 70 -1.35 -1.16 16.27
CA ILE C 70 -2.26 -0.87 17.37
C ILE C 70 -1.57 -1.23 18.68
N THR C 71 -1.77 -0.39 19.70
CA THR C 71 -1.13 -0.60 21.00
C THR C 71 -2.16 -0.41 22.10
N ARG C 72 -1.68 -0.51 23.34
CA ARG C 72 -2.54 -0.70 24.51
C ARG C 72 -1.90 -0.04 25.72
N ASP C 73 -2.74 0.60 26.55
CA ASP C 73 -2.32 1.11 27.85
C ASP C 73 -3.49 0.88 28.81
N THR C 74 -3.46 -0.25 29.52
CA THR C 74 -4.59 -0.64 30.35
C THR C 74 -4.87 0.40 31.43
N SER C 75 -3.86 0.74 32.23
CA SER C 75 -4.03 1.69 33.31
C SER C 75 -4.70 2.97 32.80
N ALA C 76 -4.22 3.48 31.66
CA ALA C 76 -4.82 4.68 31.08
C ALA C 76 -6.14 4.40 30.38
N SER C 77 -6.48 3.14 30.14
CA SER C 77 -7.72 2.77 29.45
C SER C 77 -7.80 3.50 28.11
N THR C 78 -6.70 3.51 27.37
CA THR C 78 -6.61 4.18 26.08
C THR C 78 -6.15 3.19 25.01
N ALA C 79 -6.76 3.31 23.83
CA ALA C 79 -6.37 2.53 22.66
C ALA C 79 -5.73 3.45 21.64
N TYR C 80 -4.73 2.93 20.93
CA TYR C 80 -3.95 3.72 19.99
C TYR C 80 -3.85 2.99 18.66
N MET C 81 -3.73 3.77 17.58
CA MET C 81 -3.39 3.26 16.27
C MET C 81 -2.41 4.22 15.62
N GLU C 82 -1.47 3.67 14.86
CA GLU C 82 -0.38 4.44 14.25
C GLU C 82 -0.28 4.08 12.77
N LEU C 83 -0.82 4.95 11.91
CA LEU C 83 -0.62 4.82 10.48
C LEU C 83 0.69 5.49 10.10
N SER C 84 1.55 4.77 9.39
CA SER C 84 2.84 5.27 8.95
C SER C 84 2.87 5.33 7.44
N SER C 85 3.75 6.18 6.91
CA SER C 85 3.90 6.36 5.48
C SER C 85 2.55 6.71 4.84
N LEU C 86 2.03 7.87 5.25
CA LEU C 86 0.70 8.26 4.85
C LEU C 86 0.64 8.59 3.37
N ARG C 87 -0.33 7.99 2.68
CA ARG C 87 -0.65 8.36 1.32
C ARG C 87 -1.68 9.49 1.33
N SER C 88 -1.70 10.25 0.23
CA SER C 88 -2.70 11.30 0.08
C SER C 88 -4.12 10.76 0.12
N GLU C 89 -4.30 9.45 -0.04
CA GLU C 89 -5.61 8.81 0.00
C GLU C 89 -5.97 8.30 1.39
N ASP C 90 -5.23 8.69 2.42
CA ASP C 90 -5.54 8.30 3.79
C ASP C 90 -6.44 9.29 4.50
N THR C 91 -6.73 10.44 3.90
CA THR C 91 -7.65 11.39 4.49
C THR C 91 -8.97 10.71 4.80
N ALA C 92 -9.32 10.64 6.08
CA ALA C 92 -10.50 9.91 6.50
C ALA C 92 -10.80 10.27 7.95
N VAL C 93 -11.98 9.85 8.41
CA VAL C 93 -12.38 9.95 9.80
C VAL C 93 -12.17 8.59 10.43
N TYR C 94 -11.25 8.50 11.39
CA TYR C 94 -10.90 7.25 12.04
C TYR C 94 -11.70 7.13 13.34
N TYR C 95 -12.40 6.01 13.49
CA TYR C 95 -13.28 5.76 14.61
C TYR C 95 -12.69 4.68 15.52
N CYS C 96 -13.21 4.64 16.74
CA CYS C 96 -12.78 3.69 17.76
C CYS C 96 -14.02 3.05 18.37
N ALA C 97 -14.12 1.74 18.25
CA ALA C 97 -15.34 1.02 18.60
C ALA C 97 -15.01 -0.15 19.50
N ARG C 98 -16.04 -0.61 20.22
CA ARG C 98 -15.91 -1.63 21.25
C ARG C 98 -16.83 -2.80 20.93
N SER C 99 -16.32 -4.02 21.08
CA SER C 99 -17.05 -5.22 20.72
C SER C 99 -17.79 -5.79 21.92
N ASP C 100 -19.07 -6.10 21.74
CA ASP C 100 -19.91 -6.66 22.79
C ASP C 100 -19.97 -8.17 22.57
N ARG C 101 -19.21 -8.91 23.40
CA ARG C 101 -19.17 -10.37 23.32
C ARG C 101 -18.88 -10.87 21.91
N GLY C 102 -18.27 -10.03 21.08
CA GLY C 102 -17.96 -10.42 19.71
C GLY C 102 -19.18 -10.49 18.81
N TRP C 103 -20.06 -9.49 18.90
CA TRP C 103 -21.24 -9.41 18.04
C TRP C 103 -21.21 -8.13 17.19
N TYR C 104 -21.28 -6.97 17.82
CA TYR C 104 -21.37 -5.70 17.11
C TYR C 104 -20.52 -4.68 17.86
N PHE C 105 -20.60 -3.43 17.45
CA PHE C 105 -19.88 -2.34 18.10
C PHE C 105 -20.86 -1.61 19.02
N ASP C 106 -20.64 -1.72 20.32
CA ASP C 106 -21.58 -1.16 21.30
C ASP C 106 -21.39 0.35 21.41
N VAL C 107 -20.16 0.80 21.63
CA VAL C 107 -19.85 2.21 21.81
C VAL C 107 -18.88 2.64 20.72
N TRP C 108 -19.06 3.85 20.23
CA TRP C 108 -18.21 4.43 19.20
C TRP C 108 -17.59 5.73 19.71
N GLY C 109 -16.35 5.98 19.33
CA GLY C 109 -15.78 7.29 19.50
C GLY C 109 -16.48 8.30 18.61
N GLN C 110 -16.18 9.57 18.83
CA GLN C 110 -16.71 10.59 17.95
C GLN C 110 -15.92 10.72 16.66
N GLY C 111 -14.86 9.94 16.50
CA GLY C 111 -14.06 9.99 15.29
C GLY C 111 -12.98 11.06 15.35
N THR C 112 -11.86 10.75 14.69
CA THR C 112 -10.73 11.66 14.61
C THR C 112 -10.39 11.87 13.15
N LEU C 113 -10.27 13.13 12.76
CA LEU C 113 -9.99 13.48 11.37
C LEU C 113 -8.49 13.56 11.14
N VAL C 114 -8.02 12.79 10.16
CA VAL C 114 -6.64 12.87 9.68
C VAL C 114 -6.70 13.34 8.24
N THR C 115 -6.06 14.48 7.96
CA THR C 115 -5.99 15.03 6.62
C THR C 115 -4.56 14.87 6.11
N VAL C 116 -4.41 14.24 4.95
CA VAL C 116 -3.12 14.04 4.32
C VAL C 116 -3.13 14.83 3.02
N SER C 117 -2.15 15.73 2.87
CA SER C 117 -2.09 16.60 1.71
C SER C 117 -0.76 17.33 1.72
N SER C 118 -0.23 17.58 0.53
CA SER C 118 0.94 18.43 0.40
C SER C 118 0.63 19.88 0.74
N ALA C 119 -0.64 20.28 0.66
CA ALA C 119 -1.02 21.66 0.92
C ALA C 119 -0.62 22.07 2.33
N SER C 120 -0.42 23.37 2.49
CA SER C 120 -0.10 23.96 3.79
C SER C 120 -1.32 24.67 4.36
N THR C 121 -1.43 24.66 5.68
CA THR C 121 -2.55 25.32 6.35
C THR C 121 -2.69 26.75 5.87
N LYS C 122 -3.91 27.12 5.49
CA LYS C 122 -4.19 28.45 4.96
C LYS C 122 -5.63 28.82 5.29
N GLY C 123 -5.84 30.08 5.65
CA GLY C 123 -7.18 30.56 5.98
C GLY C 123 -7.94 31.01 4.74
N PRO C 124 -9.26 31.14 4.87
CA PRO C 124 -10.08 31.48 3.70
C PRO C 124 -10.14 32.96 3.43
N SER C 125 -10.34 33.28 2.16
CA SER C 125 -10.83 34.59 1.76
C SER C 125 -12.34 34.50 1.58
N VAL C 126 -13.05 35.53 2.05
CA VAL C 126 -14.51 35.53 2.06
C VAL C 126 -14.98 36.66 1.16
N PHE C 127 -15.77 36.31 0.13
CA PHE C 127 -16.21 37.26 -0.88
C PHE C 127 -17.73 37.44 -0.83
N PRO C 128 -18.23 38.66 -1.04
CA PRO C 128 -19.68 38.88 -1.00
C PRO C 128 -20.36 38.35 -2.24
N LEU C 129 -21.63 37.97 -2.10
CA LEU C 129 -22.47 37.55 -3.21
C LEU C 129 -23.56 38.59 -3.39
N ALA C 130 -23.51 39.32 -4.50
CA ALA C 130 -24.41 40.44 -4.72
C ALA C 130 -25.82 39.92 -5.06
N PRO C 131 -26.87 40.41 -4.38
CA PRO C 131 -28.23 39.97 -4.69
C PRO C 131 -29.11 41.09 -5.24
N SER C 132 -29.91 40.81 -6.27
CA SER C 132 -30.91 41.77 -6.73
C SER C 132 -31.82 41.15 -7.79
N SER C 133 -32.79 40.35 -7.37
CA SER C 133 -33.72 39.75 -8.33
C SER C 133 -35.00 39.25 -7.66
N LYS C 134 -35.93 40.17 -7.39
CA LYS C 134 -37.32 39.84 -7.05
C LYS C 134 -38.20 40.63 -8.02
N SER C 135 -38.16 40.23 -9.29
CA SER C 135 -38.58 41.11 -10.37
C SER C 135 -40.10 41.28 -10.40
N THR C 136 -40.83 40.18 -10.51
CA THR C 136 -42.29 40.28 -10.61
C THR C 136 -43.01 39.10 -9.98
N SER C 137 -42.85 37.89 -10.52
CA SER C 137 -43.67 36.77 -10.08
C SER C 137 -43.22 36.25 -8.72
N GLY C 138 -41.91 36.26 -8.45
CA GLY C 138 -41.39 35.70 -7.22
C GLY C 138 -40.77 36.73 -6.30
N GLY C 139 -41.26 36.80 -5.06
CA GLY C 139 -40.81 37.79 -4.11
C GLY C 139 -39.47 37.50 -3.47
N THR C 140 -39.20 36.23 -3.21
CA THR C 140 -38.01 35.86 -2.45
C THR C 140 -36.74 36.19 -3.22
N ALA C 141 -35.76 36.73 -2.50
CA ALA C 141 -34.41 36.98 -3.00
C ALA C 141 -33.42 36.23 -2.12
N ALA C 142 -32.17 36.15 -2.58
CA ALA C 142 -31.18 35.31 -1.93
C ALA C 142 -29.79 35.92 -2.04
N LEU C 143 -28.99 35.75 -0.99
CA LEU C 143 -27.61 36.21 -0.95
C LEU C 143 -26.77 35.21 -0.16
N GLY C 144 -25.46 35.42 -0.19
CA GLY C 144 -24.55 34.50 0.48
C GLY C 144 -23.14 35.05 0.52
N CYS C 145 -22.23 34.21 0.99
CA CYS C 145 -20.80 34.51 1.02
C CYS C 145 -20.03 33.30 0.51
N LEU C 146 -18.94 33.56 -0.22
CA LEU C 146 -18.09 32.52 -0.77
C LEU C 146 -16.85 32.39 0.10
N VAL C 147 -16.66 31.20 0.69
CA VAL C 147 -15.50 30.91 1.54
C VAL C 147 -14.52 30.11 0.69
N LYS C 148 -13.42 30.75 0.30
CA LYS C 148 -12.58 30.23 -0.77
C LYS C 148 -11.15 29.98 -0.31
N ASP C 149 -10.59 28.86 -0.76
CA ASP C 149 -9.15 28.59 -0.70
C ASP C 149 -8.63 28.59 0.74
N TYR C 150 -9.18 27.67 1.54
CA TYR C 150 -8.71 27.42 2.88
C TYR C 150 -8.23 25.98 3.00
N PHE C 151 -7.59 25.69 4.12
CA PHE C 151 -7.10 24.34 4.39
C PHE C 151 -6.66 24.23 5.84
N PRO C 152 -6.99 23.14 6.54
CA PRO C 152 -7.83 22.03 6.11
C PRO C 152 -9.28 22.26 6.50
N GLU C 153 -10.12 21.25 6.31
CA GLU C 153 -11.41 21.27 6.96
C GLU C 153 -11.21 21.29 8.48
N PRO C 154 -12.22 21.75 9.24
CA PRO C 154 -13.52 22.28 8.84
C PRO C 154 -13.67 23.79 9.04
N VAL C 155 -14.68 24.36 8.40
CA VAL C 155 -15.11 25.73 8.62
C VAL C 155 -16.57 25.71 9.05
N THR C 156 -16.95 26.69 9.86
CA THR C 156 -18.35 26.94 10.20
C THR C 156 -18.73 28.33 9.76
N VAL C 157 -19.99 28.50 9.37
CA VAL C 157 -20.51 29.78 8.91
C VAL C 157 -21.88 30.00 9.54
N SER C 158 -22.11 31.23 9.99
CA SER C 158 -23.42 31.66 10.47
C SER C 158 -23.72 33.02 9.87
N TRP C 159 -24.93 33.51 10.10
CA TRP C 159 -25.39 34.77 9.53
C TRP C 159 -25.86 35.72 10.62
N ASN C 160 -25.43 36.97 10.54
CA ASN C 160 -25.80 38.01 11.50
C ASN C 160 -25.45 37.60 12.93
N SER C 161 -24.27 37.00 13.09
CA SER C 161 -23.76 36.67 14.41
C SER C 161 -24.72 35.76 15.17
N GLY C 162 -25.40 34.87 14.44
CA GLY C 162 -26.22 33.83 15.03
C GLY C 162 -27.72 34.06 14.98
N ALA C 163 -28.17 35.24 14.55
CA ALA C 163 -29.59 35.56 14.63
C ALA C 163 -30.42 34.70 13.67
N LEU C 164 -29.96 34.55 12.43
CA LEU C 164 -30.76 33.93 11.38
C LEU C 164 -30.55 32.42 11.34
N THR C 165 -31.66 31.69 11.26
CA THR C 165 -31.66 30.27 10.95
C THR C 165 -32.52 29.92 9.74
N SER C 166 -33.58 30.67 9.49
CA SER C 166 -34.47 30.38 8.36
C SER C 166 -33.76 30.68 7.04
N GLY C 167 -33.82 29.72 6.12
CA GLY C 167 -33.31 29.91 4.78
C GLY C 167 -31.81 29.78 4.63
N VAL C 168 -31.08 29.47 5.69
CA VAL C 168 -29.63 29.37 5.61
C VAL C 168 -29.25 28.00 5.03
N HIS C 169 -28.42 28.03 3.99
CA HIS C 169 -27.85 26.82 3.41
C HIS C 169 -26.35 27.00 3.31
N THR C 170 -25.60 26.22 4.08
CA THR C 170 -24.14 26.19 4.01
C THR C 170 -23.75 24.92 3.28
N PHE C 171 -23.08 25.07 2.15
CA PHE C 171 -22.83 23.93 1.28
C PHE C 171 -21.60 23.15 1.76
N PRO C 172 -21.60 21.82 1.58
CA PRO C 172 -20.39 21.05 1.88
C PRO C 172 -19.21 21.56 1.07
N ALA C 173 -18.03 21.48 1.67
CA ALA C 173 -16.82 21.91 0.99
C ALA C 173 -16.49 20.95 -0.15
N VAL C 174 -16.00 21.50 -1.25
CA VAL C 174 -15.46 20.71 -2.36
C VAL C 174 -13.96 20.91 -2.40
N LEU C 175 -13.24 19.84 -2.72
CA LEU C 175 -11.78 19.87 -2.75
C LEU C 175 -11.32 20.30 -4.14
N GLN C 176 -10.57 21.40 -4.20
CA GLN C 176 -10.10 21.95 -5.45
C GLN C 176 -8.89 21.17 -5.96
N SER C 177 -8.63 21.31 -7.27
CA SER C 177 -7.41 20.74 -7.84
C SER C 177 -6.15 21.33 -7.22
N SER C 178 -6.25 22.51 -6.59
CA SER C 178 -5.11 23.15 -5.95
C SER C 178 -4.76 22.55 -4.59
N GLY C 179 -5.56 21.60 -4.10
CA GLY C 179 -5.38 21.09 -2.76
C GLY C 179 -6.04 21.91 -1.67
N LEU C 180 -6.66 23.03 -2.02
CA LEU C 180 -7.37 23.88 -1.08
C LEU C 180 -8.87 23.61 -1.18
N TYR C 181 -9.57 23.85 -0.08
CA TYR C 181 -11.00 23.67 -0.04
C TYR C 181 -11.72 24.99 -0.31
N SER C 182 -12.96 24.89 -0.75
CA SER C 182 -13.79 26.06 -1.03
C SER C 182 -15.25 25.67 -0.80
N LEU C 183 -16.00 26.59 -0.19
CA LEU C 183 -17.44 26.39 0.00
C LEU C 183 -18.13 27.73 -0.11
N SER C 184 -19.44 27.67 -0.31
CA SER C 184 -20.30 28.84 -0.29
C SER C 184 -21.38 28.67 0.78
N SER C 185 -21.77 29.79 1.37
CA SER C 185 -22.87 29.83 2.34
C SER C 185 -23.87 30.86 1.85
N VAL C 186 -25.16 30.50 1.87
CA VAL C 186 -26.20 31.36 1.31
C VAL C 186 -27.37 31.44 2.28
N VAL C 187 -28.22 32.43 2.04
CA VAL C 187 -29.42 32.65 2.83
C VAL C 187 -30.46 33.30 1.92
N THR C 188 -31.72 32.91 2.11
CA THR C 188 -32.84 33.44 1.33
C THR C 188 -33.64 34.40 2.20
N VAL C 189 -33.96 35.58 1.66
CA VAL C 189 -34.64 36.61 2.44
C VAL C 189 -35.59 37.43 1.56
N PRO C 190 -36.67 37.98 2.13
CA PRO C 190 -37.61 38.81 1.33
C PRO C 190 -37.05 40.13 0.79
N SER C 191 -37.94 41.12 0.69
CA SER C 191 -37.72 42.36 -0.05
C SER C 191 -36.60 43.24 0.50
N SER C 192 -36.08 42.93 1.70
CA SER C 192 -35.12 43.78 2.37
C SER C 192 -33.94 44.10 1.46
N SER C 193 -33.55 45.37 1.44
CA SER C 193 -32.40 45.82 0.66
C SER C 193 -31.46 46.58 1.59
N LEU C 194 -30.61 47.43 1.01
CA LEU C 194 -29.70 48.22 1.82
C LEU C 194 -30.48 49.22 2.66
N GLY C 195 -30.01 49.46 3.88
CA GLY C 195 -30.72 50.28 4.83
C GLY C 195 -31.67 49.53 5.74
N THR C 196 -31.92 48.25 5.46
CA THR C 196 -32.81 47.44 6.28
C THR C 196 -32.19 46.06 6.49
N GLN C 197 -32.15 45.63 7.75
CA GLN C 197 -31.77 44.28 8.13
C GLN C 197 -30.49 43.85 7.44
N THR C 198 -29.43 44.63 7.68
CA THR C 198 -28.13 44.33 7.10
C THR C 198 -27.67 42.95 7.53
N TYR C 199 -27.37 42.09 6.56
CA TYR C 199 -26.94 40.73 6.86
C TYR C 199 -25.42 40.66 6.99
N ILE C 200 -24.96 39.84 7.93
CA ILE C 200 -23.53 39.70 8.25
C ILE C 200 -23.17 38.23 8.14
N CYS C 201 -22.06 37.95 7.46
CA CYS C 201 -21.56 36.59 7.29
C CYS C 201 -20.38 36.37 8.22
N ASN C 202 -20.48 35.34 9.07
CA ASN C 202 -19.47 35.02 10.07
C ASN C 202 -18.76 33.75 9.64
N VAL C 203 -17.47 33.87 9.30
CA VAL C 203 -16.64 32.75 8.90
C VAL C 203 -15.54 32.56 9.93
N ASN C 204 -15.40 31.33 10.42
CA ASN C 204 -14.38 30.99 11.40
C ASN C 204 -13.66 29.73 10.95
N HIS C 205 -12.33 29.80 10.85
CA HIS C 205 -11.48 28.67 10.46
C HIS C 205 -10.53 28.42 11.62
N LYS C 206 -10.91 27.49 12.49
CA LYS C 206 -10.16 27.27 13.73
C LYS C 206 -8.69 26.96 13.47
N PRO C 207 -8.33 25.95 12.68
CA PRO C 207 -6.90 25.61 12.54
C PRO C 207 -6.03 26.77 12.08
N SER C 208 -6.59 27.72 11.32
CA SER C 208 -5.85 28.92 10.93
C SER C 208 -5.94 30.02 11.98
N ASN C 209 -6.81 29.88 12.98
CA ASN C 209 -7.03 30.92 13.98
C ASN C 209 -7.37 32.24 13.30
N THR C 210 -8.18 32.18 12.26
CA THR C 210 -8.66 33.34 11.53
C THR C 210 -10.16 33.49 11.71
N LYS C 211 -10.59 34.70 12.08
CA LYS C 211 -12.00 35.05 12.12
C LYS C 211 -12.23 36.19 11.13
N VAL C 212 -13.23 36.01 10.26
CA VAL C 212 -13.59 37.01 9.26
C VAL C 212 -15.10 37.14 9.24
N ASP C 213 -15.58 38.37 9.43
CA ASP C 213 -16.98 38.70 9.23
C ASP C 213 -17.07 39.62 8.03
N LYS C 214 -17.85 39.22 7.03
CA LYS C 214 -17.92 39.94 5.77
C LYS C 214 -19.28 40.61 5.58
N ILE D 2 37.08 -19.34 -10.73
CA ILE D 2 36.51 -20.17 -11.78
C ILE D 2 36.85 -19.62 -13.16
N VAL D 3 37.66 -20.37 -13.91
CA VAL D 3 38.08 -20.00 -15.25
C VAL D 3 37.46 -20.99 -16.23
N LEU D 4 37.04 -20.47 -17.38
CA LEU D 4 36.50 -21.29 -18.46
C LEU D 4 37.33 -21.08 -19.72
N THR D 5 37.46 -22.15 -20.52
CA THR D 5 38.36 -22.16 -21.66
C THR D 5 37.60 -22.65 -22.89
N GLN D 6 38.16 -22.31 -24.06
CA GLN D 6 37.49 -22.56 -25.33
C GLN D 6 38.44 -23.29 -26.28
N SER D 7 37.85 -24.04 -27.21
CA SER D 7 38.63 -24.93 -28.08
C SER D 7 39.29 -24.16 -29.22
N PRO D 8 38.54 -23.40 -30.04
CA PRO D 8 39.18 -22.68 -31.15
C PRO D 8 39.29 -21.18 -30.91
N ALA D 9 40.48 -20.62 -31.02
CA ALA D 9 40.67 -19.18 -30.80
C ALA D 9 40.55 -18.39 -32.10
N THR D 10 41.31 -18.78 -33.12
CA THR D 10 41.15 -18.22 -34.46
C THR D 10 40.62 -19.30 -35.39
N LEU D 11 39.82 -18.89 -36.37
CA LEU D 11 39.27 -19.84 -37.33
C LEU D 11 38.97 -19.14 -38.65
N SER D 12 39.45 -19.74 -39.74
CA SER D 12 39.26 -19.21 -41.09
C SER D 12 38.43 -20.23 -41.86
N LEU D 13 37.22 -19.84 -42.25
CA LEU D 13 36.33 -20.71 -43.02
C LEU D 13 35.71 -19.88 -44.14
N SER D 14 34.92 -20.56 -44.98
CA SER D 14 34.25 -19.94 -46.10
C SER D 14 32.74 -20.08 -45.95
N PRO D 15 31.96 -19.11 -46.46
CA PRO D 15 30.51 -19.16 -46.29
C PRO D 15 29.93 -20.49 -46.76
N GLY D 16 29.03 -21.05 -45.95
CA GLY D 16 28.39 -22.30 -46.28
C GLY D 16 29.05 -23.53 -45.70
N GLU D 17 29.79 -23.38 -44.60
CA GLU D 17 30.49 -24.49 -43.96
C GLU D 17 30.03 -24.60 -42.51
N ARG D 18 30.24 -25.78 -41.92
CA ARG D 18 29.86 -25.98 -40.54
C ARG D 18 30.82 -25.27 -39.61
N ALA D 19 30.30 -24.83 -38.47
CA ALA D 19 31.09 -24.13 -37.46
C ALA D 19 30.71 -24.64 -36.09
N THR D 20 31.69 -25.12 -35.33
CA THR D 20 31.48 -25.60 -33.97
C THR D 20 32.59 -25.07 -33.09
N LEU D 21 32.20 -24.41 -31.99
CA LEU D 21 33.13 -23.84 -31.03
C LEU D 21 32.57 -24.04 -29.64
N SER D 22 33.45 -24.29 -28.67
CA SER D 22 33.04 -24.70 -27.34
C SER D 22 33.76 -23.89 -26.28
N CYS D 23 33.19 -23.88 -25.08
CA CYS D 23 33.78 -23.26 -23.91
C CYS D 23 33.65 -24.20 -22.73
N ARG D 24 34.77 -24.53 -22.10
CA ARG D 24 34.83 -25.52 -21.02
C ARG D 24 35.18 -24.81 -19.72
N ALA D 25 34.35 -24.99 -18.70
CA ALA D 25 34.60 -24.44 -17.37
C ALA D 25 35.32 -25.45 -16.51
N SER D 26 36.28 -24.98 -15.71
CA SER D 26 37.01 -25.84 -14.79
C SER D 26 36.22 -26.16 -13.53
N SER D 27 34.92 -25.85 -13.51
CA SER D 27 34.05 -26.20 -12.40
C SER D 27 32.66 -26.49 -12.96
N SER D 28 31.90 -27.29 -12.21
CA SER D 28 30.52 -27.56 -12.59
C SER D 28 29.72 -26.27 -12.60
N VAL D 29 29.02 -26.01 -13.70
CA VAL D 29 28.34 -24.74 -13.93
C VAL D 29 27.01 -25.03 -14.60
N ASN D 30 26.00 -24.22 -14.26
CA ASN D 30 24.62 -24.53 -14.64
C ASN D 30 24.20 -23.96 -16.00
N TYR D 31 24.65 -22.74 -16.34
CA TYR D 31 24.22 -22.10 -17.57
C TYR D 31 25.41 -21.44 -18.26
N MET D 32 25.22 -21.05 -19.52
CA MET D 32 26.25 -20.33 -20.25
C MET D 32 25.64 -19.48 -21.36
N ASN D 33 26.29 -18.33 -21.61
CA ASN D 33 25.85 -17.38 -22.60
C ASN D 33 26.90 -17.25 -23.70
N TRP D 34 26.49 -16.66 -24.81
CA TRP D 34 27.39 -16.40 -25.94
C TRP D 34 27.09 -15.02 -26.48
N TYR D 35 28.15 -14.36 -26.99
CA TYR D 35 28.03 -13.00 -27.48
C TYR D 35 28.85 -12.83 -28.75
N GLN D 36 28.22 -12.29 -29.78
CA GLN D 36 28.87 -11.98 -31.05
C GLN D 36 29.23 -10.50 -31.08
N GLN D 37 30.33 -10.19 -31.76
CA GLN D 37 30.80 -8.80 -31.83
C GLN D 37 31.49 -8.57 -33.17
N LYS D 38 30.86 -7.77 -34.02
CA LYS D 38 31.50 -7.36 -35.26
C LYS D 38 32.48 -6.22 -35.00
N PRO D 39 33.56 -6.12 -35.79
CA PRO D 39 34.58 -5.11 -35.50
C PRO D 39 34.00 -3.70 -35.56
N GLY D 40 34.37 -2.89 -34.57
CA GLY D 40 33.98 -1.50 -34.52
C GLY D 40 32.73 -1.21 -33.71
N GLN D 41 31.82 -2.18 -33.59
CA GLN D 41 30.57 -2.00 -32.89
C GLN D 41 30.47 -2.95 -31.70
N ALA D 42 29.58 -2.62 -30.78
CA ALA D 42 29.53 -3.27 -29.48
C ALA D 42 29.14 -4.74 -29.61
N PRO D 43 29.36 -5.53 -28.56
CA PRO D 43 28.96 -6.94 -28.59
C PRO D 43 27.47 -7.10 -28.84
N ARG D 44 27.11 -8.30 -29.27
CA ARG D 44 25.74 -8.65 -29.62
C ARG D 44 25.36 -9.93 -28.89
N PRO D 45 24.28 -9.95 -28.10
CA PRO D 45 23.87 -11.21 -27.46
C PRO D 45 23.29 -12.20 -28.45
N LEU D 46 23.67 -13.47 -28.27
CA LEU D 46 23.11 -14.58 -29.05
C LEU D 46 22.33 -15.53 -28.17
N ILE D 47 23.02 -16.32 -27.35
CA ILE D 47 22.44 -17.39 -26.55
C ILE D 47 22.36 -16.94 -25.10
N TYR D 48 21.31 -17.37 -24.41
CA TYR D 48 21.19 -17.17 -22.97
C TYR D 48 20.72 -18.46 -22.31
N ALA D 49 20.93 -18.54 -20.99
CA ALA D 49 20.80 -19.80 -20.27
C ALA D 49 21.72 -20.82 -20.91
N THR D 50 21.20 -21.67 -21.79
CA THR D 50 22.03 -22.43 -22.73
C THR D 50 21.27 -22.66 -24.04
N SER D 51 20.20 -23.45 -24.00
CA SER D 51 19.40 -23.73 -25.20
C SER D 51 18.29 -22.68 -25.32
N ASN D 52 18.72 -21.44 -25.55
CA ASN D 52 17.80 -20.33 -25.72
C ASN D 52 18.48 -19.25 -26.55
N LEU D 53 17.66 -18.41 -27.19
CA LEU D 53 18.15 -17.37 -28.06
C LEU D 53 17.10 -16.27 -28.15
N ALA D 54 17.57 -15.05 -28.44
CA ALA D 54 16.67 -13.91 -28.58
C ALA D 54 17.41 -12.80 -29.33
N SER D 55 16.76 -11.65 -29.44
CA SER D 55 17.32 -10.48 -30.11
C SER D 55 17.50 -10.70 -31.60
N GLY D 56 16.63 -11.52 -32.20
CA GLY D 56 16.69 -11.75 -33.63
C GLY D 56 17.93 -12.48 -34.09
N ILE D 57 18.01 -13.77 -33.81
CA ILE D 57 19.06 -14.61 -34.37
C ILE D 57 18.39 -15.72 -35.17
N PRO D 58 18.99 -16.19 -36.26
CA PRO D 58 18.38 -17.29 -37.02
C PRO D 58 18.27 -18.57 -36.20
N ALA D 59 17.40 -19.47 -36.66
CA ALA D 59 17.16 -20.73 -35.97
C ALA D 59 18.31 -21.72 -36.12
N ARG D 60 19.30 -21.43 -36.97
CA ARG D 60 20.42 -22.34 -37.14
C ARG D 60 21.34 -22.36 -35.93
N PHE D 61 21.34 -21.31 -35.13
CA PHE D 61 22.14 -21.26 -33.90
C PHE D 61 21.54 -22.22 -32.88
N SER D 62 22.28 -23.28 -32.54
CA SER D 62 21.84 -24.27 -31.56
C SER D 62 22.88 -24.37 -30.46
N GLY D 63 22.64 -23.67 -29.35
CA GLY D 63 23.54 -23.75 -28.21
C GLY D 63 23.26 -25.01 -27.39
N SER D 64 24.34 -25.64 -26.93
CA SER D 64 24.23 -26.85 -26.14
C SER D 64 25.41 -26.91 -25.17
N GLY D 65 25.26 -27.72 -24.14
CA GLY D 65 26.32 -27.90 -23.16
C GLY D 65 25.80 -28.39 -21.84
N SER D 66 26.70 -29.01 -21.08
CA SER D 66 26.36 -29.54 -19.76
C SER D 66 27.62 -29.66 -18.93
N GLY D 67 27.50 -29.42 -17.63
CA GLY D 67 28.62 -29.55 -16.71
C GLY D 67 29.76 -28.60 -17.03
N THR D 68 30.89 -29.15 -17.47
CA THR D 68 32.06 -28.35 -17.82
C THR D 68 31.98 -27.87 -19.27
N ASP D 69 31.94 -28.81 -20.22
CA ASP D 69 32.01 -28.48 -21.64
C ASP D 69 30.68 -27.95 -22.15
N PHE D 70 30.73 -26.78 -22.78
CA PHE D 70 29.58 -26.17 -23.43
C PHE D 70 29.95 -25.84 -24.87
N THR D 71 29.01 -26.09 -25.79
CA THR D 71 29.28 -25.97 -27.22
C THR D 71 28.21 -25.10 -27.88
N LEU D 72 28.63 -24.34 -28.88
CA LEU D 72 27.72 -23.61 -29.76
C LEU D 72 27.75 -24.24 -31.15
N THR D 73 26.62 -24.15 -31.84
CA THR D 73 26.47 -24.71 -33.17
C THR D 73 25.96 -23.65 -34.13
N ILE D 74 26.54 -23.62 -35.32
CA ILE D 74 26.06 -22.81 -36.43
C ILE D 74 25.98 -23.73 -37.65
N SER D 75 24.76 -24.11 -38.03
CA SER D 75 24.58 -25.09 -39.09
C SER D 75 25.09 -24.58 -40.43
N SER D 76 24.93 -23.29 -40.69
CA SER D 76 25.31 -22.71 -41.97
C SER D 76 25.88 -21.32 -41.75
N LEU D 77 27.07 -21.08 -42.29
CA LEU D 77 27.72 -19.77 -42.19
C LEU D 77 27.22 -18.85 -43.30
N GLU D 78 27.42 -17.55 -43.10
CA GLU D 78 27.00 -16.54 -44.04
C GLU D 78 28.06 -15.44 -44.10
N PRO D 79 28.11 -14.69 -45.21
CA PRO D 79 29.20 -13.71 -45.35
C PRO D 79 29.18 -12.60 -44.32
N GLU D 80 28.00 -12.07 -43.96
CA GLU D 80 27.89 -10.97 -43.02
C GLU D 80 27.94 -11.41 -41.56
N ASP D 81 28.17 -12.70 -41.31
CA ASP D 81 28.19 -13.24 -39.95
C ASP D 81 29.60 -13.44 -39.41
N PHE D 82 30.61 -12.88 -40.06
CA PHE D 82 31.99 -13.06 -39.62
C PHE D 82 32.30 -12.07 -38.51
N ALA D 83 32.57 -12.59 -37.32
CA ALA D 83 32.73 -11.76 -36.12
C ALA D 83 33.33 -12.62 -35.02
N VAL D 84 33.52 -12.01 -33.85
CA VAL D 84 34.13 -12.66 -32.69
C VAL D 84 33.03 -13.17 -31.77
N TYR D 85 33.21 -14.38 -31.24
CA TYR D 85 32.20 -15.06 -30.42
C TYR D 85 32.77 -15.27 -29.02
N TYR D 86 32.25 -14.53 -28.05
CA TYR D 86 32.63 -14.67 -26.65
C TYR D 86 31.60 -15.48 -25.90
N CYS D 87 32.07 -16.23 -24.90
CA CYS D 87 31.22 -17.00 -24.01
C CYS D 87 31.36 -16.45 -22.59
N GLN D 88 30.26 -16.51 -21.84
CA GLN D 88 30.20 -15.83 -20.55
C GLN D 88 29.49 -16.69 -19.52
N GLN D 89 30.02 -16.68 -18.30
CA GLN D 89 29.34 -17.24 -17.14
C GLN D 89 28.60 -16.11 -16.43
N TRP D 90 27.33 -16.35 -16.11
CA TRP D 90 26.47 -15.30 -15.57
C TRP D 90 26.71 -15.11 -14.07
N SER D 91 26.78 -16.19 -13.30
CA SER D 91 26.93 -16.06 -11.86
C SER D 91 28.30 -15.51 -11.48
N SER D 92 29.36 -16.20 -11.89
CA SER D 92 30.70 -15.67 -11.64
C SER D 92 30.97 -14.40 -12.43
N ARG D 93 30.15 -14.11 -13.45
CA ARG D 93 30.30 -12.90 -14.24
C ARG D 93 31.69 -12.86 -14.89
N THR D 94 32.07 -13.97 -15.52
CA THR D 94 33.36 -14.11 -16.17
C THR D 94 33.17 -14.50 -17.63
N PHE D 95 33.99 -13.90 -18.49
CA PHE D 95 33.95 -14.15 -19.93
C PHE D 95 35.10 -15.08 -20.32
N GLY D 96 35.30 -15.24 -21.63
CA GLY D 96 36.38 -16.05 -22.15
C GLY D 96 37.06 -15.37 -23.32
N GLY D 97 38.09 -16.03 -23.84
CA GLY D 97 38.85 -15.46 -24.94
C GLY D 97 37.99 -15.20 -26.17
N GLY D 98 37.19 -16.19 -26.55
CA GLY D 98 36.33 -16.09 -27.70
C GLY D 98 36.91 -16.78 -28.92
N THR D 99 36.31 -16.47 -30.07
CA THR D 99 36.74 -17.05 -31.34
C THR D 99 36.48 -16.05 -32.46
N LYS D 100 37.42 -15.96 -33.39
CA LYS D 100 37.37 -15.02 -34.50
C LYS D 100 37.04 -15.75 -35.80
N LEU D 101 36.44 -15.02 -36.75
CA LEU D 101 36.11 -15.54 -38.06
C LEU D 101 36.80 -14.69 -39.13
N GLU D 102 37.42 -15.37 -40.10
CA GLU D 102 38.12 -14.69 -41.18
C GLU D 102 37.49 -15.04 -42.54
N VAL E 2 14.11 0.63 -27.75
CA VAL E 2 14.97 0.50 -26.58
C VAL E 2 16.43 0.64 -26.99
N GLN E 3 17.18 1.47 -26.25
CA GLN E 3 18.58 1.70 -26.57
C GLN E 3 19.26 2.31 -25.35
N LEU E 4 20.54 1.99 -25.19
CA LEU E 4 21.39 2.57 -24.16
C LEU E 4 22.43 3.44 -24.84
N VAL E 5 22.35 4.75 -24.60
CA VAL E 5 23.25 5.72 -25.20
C VAL E 5 24.30 6.12 -24.15
N GLN E 6 25.57 6.12 -24.54
CA GLN E 6 26.66 6.47 -23.65
C GLN E 6 27.15 7.89 -23.96
N SER E 7 28.18 8.30 -23.24
CA SER E 7 28.78 9.61 -23.43
C SER E 7 29.85 9.54 -24.52
N GLY E 8 30.40 10.71 -24.84
CA GLY E 8 31.37 10.81 -25.91
C GLY E 8 32.71 10.18 -25.54
N ALA E 9 33.66 10.33 -26.46
CA ALA E 9 35.01 9.80 -26.27
C ALA E 9 35.84 10.79 -25.47
N GLU E 10 36.40 10.32 -24.36
CA GLU E 10 37.25 11.13 -23.50
C GLU E 10 38.63 10.50 -23.41
N VAL E 11 39.66 11.35 -23.44
CA VAL E 11 41.05 10.91 -23.39
C VAL E 11 41.82 11.88 -22.51
N LYS E 12 42.43 11.38 -21.44
CA LYS E 12 43.11 12.22 -20.46
C LYS E 12 44.40 11.51 -20.02
N LYS E 13 45.13 12.18 -19.13
CA LYS E 13 46.44 11.70 -18.68
C LYS E 13 46.28 10.69 -17.55
N PRO E 14 47.31 9.86 -17.32
CA PRO E 14 47.25 8.92 -16.19
C PRO E 14 47.18 9.66 -14.86
N GLY E 15 46.49 9.05 -13.90
CA GLY E 15 46.26 9.69 -12.62
C GLY E 15 45.11 10.66 -12.61
N ALA E 16 44.10 10.43 -13.45
CA ALA E 16 42.93 11.30 -13.54
C ALA E 16 41.67 10.50 -13.29
N SER E 17 40.52 11.04 -13.68
CA SER E 17 39.24 10.38 -13.48
C SER E 17 38.31 10.71 -14.63
N VAL E 18 37.61 9.71 -15.13
CA VAL E 18 36.65 9.85 -16.22
C VAL E 18 35.32 9.26 -15.76
N LYS E 19 34.25 10.05 -15.92
CA LYS E 19 32.91 9.63 -15.52
C LYS E 19 32.10 9.39 -16.80
N VAL E 20 31.79 8.12 -17.05
CA VAL E 20 31.00 7.72 -18.21
C VAL E 20 29.55 7.59 -17.81
N SER E 21 28.65 8.08 -18.64
CA SER E 21 27.22 8.04 -18.40
C SER E 21 26.53 7.13 -19.42
N CYS E 22 25.40 6.56 -19.02
CA CYS E 22 24.59 5.71 -19.89
C CYS E 22 23.15 6.15 -19.75
N LYS E 23 22.58 6.71 -20.81
CA LYS E 23 21.21 7.20 -20.80
C LYS E 23 20.28 6.11 -21.30
N ALA E 24 19.37 5.65 -20.44
CA ALA E 24 18.40 4.65 -20.81
C ALA E 24 17.31 5.27 -21.68
N SER E 25 16.72 4.44 -22.53
CA SER E 25 15.72 4.92 -23.48
C SER E 25 14.72 3.80 -23.79
N GLY E 26 13.43 4.14 -23.67
CA GLY E 26 12.37 3.24 -24.10
C GLY E 26 11.85 2.27 -23.07
N TYR E 27 12.35 2.31 -21.84
CA TYR E 27 11.92 1.36 -20.82
C TYR E 27 12.05 2.01 -19.45
N THR E 28 11.36 1.41 -18.47
CA THR E 28 11.44 1.86 -17.10
C THR E 28 12.81 1.53 -16.53
N PHE E 29 13.54 2.55 -16.11
CA PHE E 29 14.95 2.40 -15.72
C PHE E 29 15.14 1.64 -14.42
N THR E 30 14.09 1.44 -13.64
CA THR E 30 14.21 0.81 -12.33
C THR E 30 13.75 -0.64 -12.31
N ASP E 31 13.39 -1.21 -13.46
CA ASP E 31 13.00 -2.61 -13.54
C ASP E 31 14.15 -3.52 -13.96
N TYR E 32 15.33 -2.96 -14.22
CA TYR E 32 16.48 -3.74 -14.65
C TYR E 32 17.72 -3.18 -13.96
N ASN E 33 18.81 -3.94 -14.03
CA ASN E 33 20.08 -3.55 -13.42
C ASN E 33 21.08 -3.19 -14.52
N MET E 34 21.97 -2.25 -14.19
CA MET E 34 23.00 -1.83 -15.13
C MET E 34 24.13 -2.85 -15.12
N ASP E 35 25.30 -2.47 -15.64
CA ASP E 35 26.42 -3.38 -15.78
C ASP E 35 27.53 -2.65 -16.53
N TRP E 36 28.78 -3.07 -16.35
CA TRP E 36 29.90 -2.43 -17.01
C TRP E 36 30.97 -3.47 -17.31
N VAL E 37 31.60 -3.34 -18.47
CA VAL E 37 32.57 -4.31 -18.96
C VAL E 37 33.68 -3.59 -19.70
N ARG E 38 34.90 -4.04 -19.51
CA ARG E 38 36.09 -3.45 -20.13
C ARG E 38 36.61 -4.38 -21.21
N GLN E 39 36.86 -3.83 -22.39
CA GLN E 39 37.47 -4.58 -23.50
C GLN E 39 38.68 -3.79 -23.98
N ALA E 40 39.86 -4.21 -23.55
CA ALA E 40 41.08 -3.57 -24.01
C ALA E 40 41.40 -4.02 -25.44
N PRO E 41 42.16 -3.21 -26.19
CA PRO E 41 42.45 -3.56 -27.59
C PRO E 41 43.03 -4.95 -27.73
N GLY E 42 42.34 -5.80 -28.49
CA GLY E 42 42.79 -7.17 -28.65
C GLY E 42 42.86 -7.94 -27.35
N GLN E 43 41.85 -7.78 -26.49
CA GLN E 43 41.83 -8.42 -25.18
C GLN E 43 40.43 -8.95 -24.90
N ARG E 44 40.33 -9.80 -23.88
CA ARG E 44 39.07 -10.42 -23.53
C ARG E 44 38.12 -9.39 -22.95
N LEU E 45 36.88 -9.84 -22.69
CA LEU E 45 35.91 -9.04 -21.97
C LEU E 45 36.09 -9.30 -20.48
N GLU E 46 36.09 -8.23 -19.69
CA GLU E 46 36.17 -8.36 -18.24
C GLU E 46 35.15 -7.43 -17.61
N TRP E 47 34.43 -7.95 -16.62
CA TRP E 47 33.32 -7.24 -16.03
C TRP E 47 33.79 -6.31 -14.92
N MET E 48 33.00 -5.25 -14.69
CA MET E 48 33.35 -4.26 -13.68
C MET E 48 32.30 -4.23 -12.56
N GLY E 49 31.09 -3.74 -12.82
CA GLY E 49 30.07 -3.70 -11.79
C GLY E 49 28.72 -3.41 -12.39
N ASP E 50 27.68 -3.60 -11.57
CA ASP E 50 26.31 -3.33 -11.96
C ASP E 50 25.59 -2.66 -10.81
N ILE E 51 24.90 -1.56 -11.09
CA ILE E 51 24.08 -0.89 -10.10
C ILE E 51 22.69 -1.51 -10.11
N ASN E 52 21.98 -1.35 -8.99
CA ASN E 52 20.64 -1.85 -8.83
C ASN E 52 19.70 -0.70 -8.45
N PRO E 53 18.40 -0.79 -8.79
CA PRO E 53 17.46 0.26 -8.37
C PRO E 53 17.35 0.42 -6.85
N LYS E 54 17.86 -0.54 -6.07
CA LYS E 54 17.94 -0.42 -4.62
C LYS E 54 19.27 0.19 -4.16
N TYR E 55 19.88 1.01 -5.00
CA TYR E 55 21.10 1.76 -4.72
C TYR E 55 22.19 0.94 -4.06
N ASP E 56 22.29 -0.34 -4.40
CA ASP E 56 23.46 -1.14 -4.05
C ASP E 56 24.42 -1.14 -5.24
N ILE E 57 25.57 -0.48 -5.08
CA ILE E 57 26.61 -0.44 -6.10
C ILE E 57 27.52 -1.64 -5.87
N ILE E 58 27.35 -2.68 -6.68
CA ILE E 58 27.83 -4.01 -6.34
C ILE E 58 28.71 -4.56 -7.45
N GLY E 59 29.57 -5.48 -7.05
CA GLY E 59 30.28 -6.30 -8.02
C GLY E 59 31.63 -5.79 -8.45
N HIS E 60 32.26 -4.92 -7.67
CA HIS E 60 33.57 -4.42 -8.04
C HIS E 60 34.52 -5.58 -8.30
N ASN E 61 35.15 -5.59 -9.47
CA ASN E 61 36.20 -6.55 -9.75
C ASN E 61 37.37 -6.22 -8.82
N PRO E 62 37.85 -7.16 -8.00
CA PRO E 62 38.94 -6.84 -7.05
C PRO E 62 40.05 -6.03 -7.69
N LYS E 63 40.27 -6.21 -8.99
CA LYS E 63 41.25 -5.41 -9.71
C LYS E 63 40.85 -3.94 -9.76
N PHE E 64 39.56 -3.65 -9.59
CA PHE E 64 39.04 -2.30 -9.72
C PHE E 64 38.36 -1.80 -8.44
N MET E 65 38.45 -2.56 -7.34
CA MET E 65 37.67 -2.24 -6.15
C MET E 65 37.96 -0.84 -5.64
N GLY E 66 39.25 -0.46 -5.55
CA GLY E 66 39.60 0.86 -5.10
C GLY E 66 39.48 1.95 -6.15
N ARG E 67 39.49 1.57 -7.43
CA ARG E 67 39.51 2.56 -8.51
C ARG E 67 38.11 3.04 -8.87
N VAL E 68 37.12 2.15 -8.87
CA VAL E 68 35.83 2.42 -9.51
C VAL E 68 34.88 3.08 -8.52
N THR E 69 33.94 3.85 -9.09
CA THR E 69 32.80 4.38 -8.36
C THR E 69 31.64 4.48 -9.34
N ILE E 70 30.54 3.79 -9.05
CA ILE E 70 29.35 3.78 -9.90
C ILE E 70 28.23 4.48 -9.15
N THR E 71 27.38 5.18 -9.89
CA THR E 71 26.27 5.91 -9.28
C THR E 71 25.05 5.87 -10.20
N ARG E 72 23.91 6.27 -9.64
CA ARG E 72 22.60 6.20 -10.29
C ARG E 72 21.88 7.53 -10.11
N ASP E 73 21.20 7.96 -11.18
CA ASP E 73 20.33 9.15 -11.14
C ASP E 73 19.00 8.75 -11.76
N THR E 74 18.05 8.34 -10.93
CA THR E 74 16.74 7.94 -11.43
C THR E 74 15.93 9.12 -11.96
N SER E 75 16.08 10.30 -11.34
CA SER E 75 15.32 11.47 -11.78
C SER E 75 15.63 11.81 -13.23
N ALA E 76 16.83 11.51 -13.70
CA ALA E 76 17.20 11.73 -15.10
C ALA E 76 17.21 10.44 -15.91
N SER E 77 16.88 9.30 -15.30
CA SER E 77 16.88 8.01 -15.99
C SER E 77 18.23 7.74 -16.63
N THR E 78 19.29 8.08 -15.91
CA THR E 78 20.67 7.94 -16.37
C THR E 78 21.42 7.04 -15.40
N ALA E 79 22.51 6.46 -15.90
CA ALA E 79 23.48 5.72 -15.08
C ALA E 79 24.86 6.34 -15.26
N TYR E 80 25.79 5.92 -14.41
CA TYR E 80 27.11 6.52 -14.39
C TYR E 80 28.14 5.47 -13.99
N MET E 81 29.41 5.79 -14.25
CA MET E 81 30.52 4.98 -13.81
C MET E 81 31.77 5.85 -13.81
N GLU E 82 32.59 5.70 -12.77
CA GLU E 82 33.79 6.50 -12.59
C GLU E 82 34.98 5.56 -12.41
N LEU E 83 36.18 6.12 -12.59
CA LEU E 83 37.40 5.33 -12.43
C LEU E 83 38.50 6.27 -11.96
N SER E 84 38.99 6.06 -10.74
CA SER E 84 40.02 6.88 -10.13
C SER E 84 41.38 6.21 -10.28
N SER E 85 42.43 6.93 -9.86
CA SER E 85 43.80 6.42 -9.90
C SER E 85 44.11 5.75 -11.23
N LEU E 86 43.69 6.41 -12.31
CA LEU E 86 43.75 5.80 -13.63
C LEU E 86 45.19 5.64 -14.08
N ARG E 87 45.47 4.54 -14.78
CA ARG E 87 46.78 4.23 -15.30
C ARG E 87 46.70 4.01 -16.81
N SER E 88 47.85 3.81 -17.43
CA SER E 88 47.94 3.59 -18.88
C SER E 88 47.59 2.16 -19.28
N GLU E 89 47.22 1.31 -18.34
CA GLU E 89 46.86 -0.07 -18.63
C GLU E 89 45.36 -0.25 -18.83
N ASP E 90 44.55 0.69 -18.34
CA ASP E 90 43.09 0.61 -18.40
C ASP E 90 42.52 1.22 -19.68
N THR E 91 43.36 1.44 -20.68
CA THR E 91 42.88 1.98 -21.96
C THR E 91 42.02 0.93 -22.65
N ALA E 92 40.76 1.27 -22.89
CA ALA E 92 39.81 0.28 -23.38
C ALA E 92 38.52 0.98 -23.78
N VAL E 93 37.49 0.18 -24.06
CA VAL E 93 36.15 0.66 -24.37
C VAL E 93 35.20 0.08 -23.33
N TYR E 94 34.43 0.94 -22.68
CA TYR E 94 33.52 0.53 -21.63
C TYR E 94 32.09 0.51 -22.15
N TYR E 95 31.41 -0.62 -21.96
CA TYR E 95 30.04 -0.79 -22.39
C TYR E 95 29.12 -0.84 -21.18
N CYS E 96 27.87 -0.40 -21.39
CA CYS E 96 26.81 -0.65 -20.41
C CYS E 96 26.20 -2.01 -20.69
N ALA E 97 25.05 -2.28 -20.08
CA ALA E 97 24.29 -3.49 -20.37
C ALA E 97 23.07 -3.58 -19.47
N ARG E 98 22.04 -4.29 -19.91
CA ARG E 98 20.86 -4.53 -19.12
C ARG E 98 21.04 -5.85 -18.35
N SER E 99 19.93 -6.38 -17.81
CA SER E 99 19.92 -7.71 -17.23
C SER E 99 18.47 -8.20 -17.30
N ASP E 100 18.21 -9.16 -18.18
CA ASP E 100 16.84 -9.63 -18.43
C ASP E 100 16.52 -10.74 -17.44
N ARG E 101 15.72 -10.42 -16.42
CA ARG E 101 15.36 -11.40 -15.41
C ARG E 101 16.61 -12.06 -14.83
N GLY E 102 17.70 -11.32 -14.77
CA GLY E 102 19.00 -11.86 -14.39
C GLY E 102 19.61 -12.73 -15.45
N TRP E 103 19.58 -12.28 -16.72
CA TRP E 103 20.11 -13.09 -17.83
C TRP E 103 20.64 -12.19 -18.93
N TYR E 104 21.93 -12.34 -19.22
CA TYR E 104 22.56 -12.20 -20.54
C TYR E 104 22.66 -10.77 -21.08
N PHE E 105 22.21 -9.75 -20.35
CA PHE E 105 22.36 -8.39 -20.86
C PHE E 105 21.50 -8.19 -22.11
N ASP E 106 20.30 -7.63 -21.95
CA ASP E 106 19.41 -7.40 -23.09
C ASP E 106 20.10 -6.60 -24.18
N VAL E 107 20.53 -5.39 -23.84
CA VAL E 107 21.04 -4.43 -24.82
C VAL E 107 22.35 -3.86 -24.31
N TRP E 108 23.22 -3.46 -25.23
CA TRP E 108 24.51 -2.89 -24.90
C TRP E 108 24.59 -1.45 -25.37
N GLY E 109 25.49 -0.69 -24.75
CA GLY E 109 25.73 0.67 -25.15
C GLY E 109 26.63 0.77 -26.37
N GLN E 110 26.77 1.99 -26.87
CA GLN E 110 27.63 2.25 -28.02
C GLN E 110 29.12 1.95 -27.74
N GLY E 111 29.55 1.99 -26.48
CA GLY E 111 30.94 1.70 -26.11
C GLY E 111 31.78 2.97 -26.17
N THR E 112 32.27 3.43 -25.02
CA THR E 112 32.94 4.73 -24.89
C THR E 112 34.44 4.55 -25.05
N LEU E 113 35.07 5.40 -25.85
CA LEU E 113 36.51 5.35 -26.05
C LEU E 113 37.21 6.03 -24.89
N VAL E 114 38.02 5.27 -24.15
CA VAL E 114 38.79 5.77 -23.02
C VAL E 114 40.23 5.27 -23.20
N THR E 115 41.11 6.16 -23.63
CA THR E 115 42.53 5.86 -23.77
C THR E 115 43.34 6.83 -22.91
N VAL E 116 44.48 6.35 -22.44
CA VAL E 116 45.28 7.05 -21.44
C VAL E 116 46.73 7.03 -21.89
N SER E 117 47.32 8.21 -22.05
CA SER E 117 48.73 8.34 -22.43
C SER E 117 49.21 9.72 -22.04
N SER E 118 50.52 9.92 -22.15
CA SER E 118 51.14 11.19 -21.83
C SER E 118 52.26 11.50 -22.81
#